data_8YQ9
#
_entry.id   8YQ9
#
_cell.length_a   58.064
_cell.length_b   156.496
_cell.length_c   164.865
_cell.angle_alpha   90.000
_cell.angle_beta   90.000
_cell.angle_gamma   90.000
#
_symmetry.space_group_name_H-M   'P 21 21 21'
#
loop_
_entity.id
_entity.type
_entity.pdbx_description
1 polymer 'Bifunctional dihydrofolate reductase-thymidylate synthase'
2 non-polymer 'NADPH DIHYDRO-NICOTINAMIDE-ADENINE-DINUCLEOTIDE PHOSPHATE'
3 non-polymer '4-[4-[3-[2,4-bis(azanyl)-6-ethyl-pyrimidin-5-yl]oxypropoxy]phenyl]benzoic acid'
4 non-polymer "2'-DEOXYURIDINE 5'-MONOPHOSPHATE"
5 non-polymer GLYCEROL
6 water water
#
_entity_poly.entity_id   1
_entity_poly.type   'polypeptide(L)'
_entity_poly.pdbx_seq_one_letter_code
;MMEQVCDVFDIYAICACCKVESKNEGKKNEVFNNYTFRGLGNKGVLPWKCISLDMKYFRAVTTYVNESKYEKLKYKRCKY
LNKETVDNVNDMPNSKKLQNVVVMGRTNWESIPKKFKPLSNRINVILSRTLKKEDFDEDVYIINKVEDLIVLLGKLNYYK
CFILGGSVVYQEFLEKKLIKKIYFTRINSTYECDVFFPEINENEYQIISVSDVYTSNNTTLDFIIYKKTNNKMLNEQNCI
KGEEKNNDMPLKNDDKDTCHMKKLTEFYKNVDKYKINYENDDDDEEEDDFVYFNFNKEKEEKNKNSIHPNDFQIYNSLKY
KYHPEYQYLNIIYDIMMNGNKQSDRTGVGVLSKFGYIMKFDLSQYFPLLTTKKLFLRGIIEELLWFIRGETNGNTLLNKN
VRIWEANGTREFLDNRKLFHREVNDLGPIYGFQWRHFGAEYTNMYDNYENKGVDQLKNIINLIKNDPTSRRILLCAWNVK
DLDQMALPPCHILCQFYVFDGKLSCIMYQRSCDLGLGVPFNIASYSIFTHMIAQVCNLQPAQFIHVLGNAHVYNNHIDSL
KIQLNRIPYPFPTLKLNPDIKNIEDFTISDFTIQNYVHHEKISMDMAA
;
_entity_poly.pdbx_strand_id   A,B
#
loop_
_chem_comp.id
_chem_comp.type
_chem_comp.name
_chem_comp.formula
A1LZT non-polymer '4-[4-[3-[2,4-bis(azanyl)-6-ethyl-pyrimidin-5-yl]oxypropoxy]phenyl]benzoic acid' 'C22 H24 N4 O4'
GOL non-polymer GLYCEROL 'C3 H8 O3'
NDP non-polymer 'NADPH DIHYDRO-NICOTINAMIDE-ADENINE-DINUCLEOTIDE PHOSPHATE' 'C21 H30 N7 O17 P3'
UMP non-polymer '2'-DEOXYURIDINE 5'-MONOPHOSPHATE' 'C9 H13 N2 O8 P'
#
# COMPACT_ATOMS: atom_id res chain seq x y z
N GLU A 3 13.95 -16.08 37.45
CA GLU A 3 12.82 -16.37 36.52
C GLU A 3 11.51 -16.14 37.27
N GLN A 4 10.52 -15.55 36.60
CA GLN A 4 9.20 -15.40 37.21
C GLN A 4 8.36 -16.66 37.01
N VAL A 5 7.42 -16.92 37.93
CA VAL A 5 6.61 -18.13 37.85
C VAL A 5 5.85 -18.12 36.52
N CYS A 6 5.25 -16.98 36.19
CA CYS A 6 4.44 -16.82 34.98
C CYS A 6 5.23 -16.98 33.67
N ASP A 7 6.55 -16.75 33.64
CA ASP A 7 7.31 -16.87 32.40
C ASP A 7 7.66 -18.34 32.19
N VAL A 8 7.99 -19.01 33.30
CA VAL A 8 8.30 -20.42 33.27
C VAL A 8 7.12 -21.17 32.64
N PHE A 9 5.92 -20.93 33.19
CA PHE A 9 4.79 -21.79 32.86
C PHE A 9 3.86 -21.19 31.80
N ASP A 10 4.16 -19.97 31.34
CA ASP A 10 3.42 -19.29 30.28
C ASP A 10 1.97 -19.09 30.72
N ILE A 11 1.79 -18.34 31.79
CA ILE A 11 0.47 -18.04 32.32
C ILE A 11 -0.02 -16.70 31.78
N TYR A 12 -1.06 -16.77 30.92
CA TYR A 12 -1.71 -15.60 30.35
C TYR A 12 -3.12 -15.51 30.90
N ALA A 13 -3.68 -14.31 30.80
CA ALA A 13 -5.09 -14.07 31.03
C ALA A 13 -5.75 -13.62 29.71
N ILE A 14 -7.03 -13.98 29.54
CA ILE A 14 -7.86 -13.54 28.44
C ILE A 14 -9.24 -13.18 28.98
N CYS A 15 -9.82 -12.12 28.43
CA CYS A 15 -11.06 -11.56 28.97
C CYS A 15 -11.71 -10.65 27.91
N ALA A 16 -12.98 -10.31 28.15
CA ALA A 16 -13.75 -9.41 27.31
C ALA A 16 -14.48 -8.44 28.22
N CYS A 17 -14.22 -7.13 28.07
CA CYS A 17 -14.87 -6.11 28.86
C CYS A 17 -15.68 -5.10 28.03
N CYS A 18 -16.91 -4.81 28.49
CA CYS A 18 -17.81 -3.84 27.89
C CYS A 18 -17.76 -2.55 28.70
N LYS A 19 -18.57 -1.55 28.32
CA LYS A 19 -18.62 -0.34 29.11
C LYS A 19 -19.81 -0.50 30.03
N VAL A 20 -19.81 0.29 31.12
CA VAL A 20 -20.77 0.15 32.21
C VAL A 20 -21.49 1.46 32.50
N GLU A 21 -22.65 1.36 33.16
CA GLU A 21 -23.65 2.42 33.19
C GLU A 21 -23.28 3.58 34.11
N SER A 22 -23.82 4.77 33.76
CA SER A 22 -23.84 5.96 34.59
C SER A 22 -25.25 6.57 34.57
N ASN A 29 -20.18 15.04 28.47
CA ASN A 29 -18.72 15.15 28.18
C ASN A 29 -17.94 14.28 29.15
N GLU A 30 -18.02 12.96 28.97
CA GLU A 30 -17.36 12.03 29.88
C GLU A 30 -15.88 11.95 29.51
N VAL A 31 -15.07 11.43 30.44
CA VAL A 31 -13.69 11.08 30.18
C VAL A 31 -13.64 9.59 29.84
N PHE A 32 -12.79 9.23 28.86
CA PHE A 32 -12.47 7.84 28.58
C PHE A 32 -11.02 7.56 28.90
N ASN A 33 -10.75 6.32 29.31
CA ASN A 33 -9.41 5.76 29.53
C ASN A 33 -9.53 4.25 29.43
N ASN A 34 -8.45 3.51 29.68
CA ASN A 34 -8.48 2.05 29.55
C ASN A 34 -9.53 1.46 30.49
N TYR A 35 -9.71 2.07 31.69
CA TYR A 35 -10.69 1.61 32.65
C TYR A 35 -12.16 1.82 32.20
N THR A 36 -12.40 2.47 31.05
CA THR A 36 -13.74 2.55 30.51
C THR A 36 -14.25 1.13 30.22
N PHE A 37 -13.37 0.24 29.72
CA PHE A 37 -13.78 -1.11 29.37
C PHE A 37 -13.47 -2.02 30.55
N ARG A 38 -14.49 -2.37 31.32
CA ARG A 38 -14.21 -3.09 32.55
C ARG A 38 -15.33 -4.02 32.98
N GLY A 39 -16.40 -4.14 32.19
CA GLY A 39 -17.57 -4.90 32.62
C GLY A 39 -17.46 -6.35 32.18
N LEU A 40 -17.45 -7.25 33.17
CA LEU A 40 -17.17 -8.66 32.93
C LEU A 40 -18.46 -9.46 32.93
N GLY A 41 -19.33 -9.24 33.92
CA GLY A 41 -20.48 -10.10 34.09
C GLY A 41 -21.66 -9.41 34.76
N ASN A 42 -22.78 -10.14 34.81
CA ASN A 42 -24.04 -9.65 35.34
C ASN A 42 -24.87 -10.85 35.78
N LYS A 43 -25.17 -10.94 37.09
CA LYS A 43 -26.08 -11.94 37.64
C LYS A 43 -25.65 -13.33 37.21
N GLY A 44 -24.35 -13.64 37.41
CA GLY A 44 -23.78 -14.95 37.15
C GLY A 44 -23.35 -15.19 35.71
N VAL A 45 -23.93 -14.48 34.73
CA VAL A 45 -23.67 -14.70 33.32
C VAL A 45 -22.96 -13.48 32.71
N LEU A 46 -22.79 -13.51 31.38
CA LEU A 46 -22.19 -12.42 30.63
C LEU A 46 -23.18 -11.28 30.46
N PRO A 47 -22.71 -10.02 30.44
CA PRO A 47 -23.57 -8.84 30.35
C PRO A 47 -24.35 -8.74 29.04
N TRP A 48 -23.81 -9.37 28.00
CA TRP A 48 -24.37 -9.27 26.66
C TRP A 48 -24.90 -10.64 26.27
N LYS A 49 -25.68 -10.67 25.20
CA LYS A 49 -25.95 -11.90 24.45
C LYS A 49 -24.65 -12.31 23.75
N CYS A 50 -24.53 -13.59 23.37
CA CYS A 50 -23.31 -14.11 22.75
C CYS A 50 -22.88 -13.21 21.59
N ILE A 51 -21.76 -12.49 21.79
CA ILE A 51 -21.03 -11.87 20.68
C ILE A 51 -20.18 -12.95 20.01
N SER A 52 -20.50 -13.31 18.76
CA SER A 52 -19.87 -14.41 18.04
C SER A 52 -18.36 -14.21 17.84
N LEU A 53 -17.94 -13.01 17.43
CA LEU A 53 -16.58 -12.80 17.01
C LEU A 53 -15.63 -12.95 18.20
N ASP A 54 -16.02 -12.46 19.38
CA ASP A 54 -15.20 -12.68 20.57
C ASP A 54 -15.06 -14.17 20.89
N MET A 55 -16.13 -14.96 20.69
CA MET A 55 -16.12 -16.38 21.01
C MET A 55 -15.15 -17.08 20.08
N LYS A 56 -15.15 -16.70 18.81
CA LYS A 56 -14.25 -17.30 17.85
C LYS A 56 -12.83 -16.88 18.18
N TYR A 57 -12.66 -15.63 18.64
CA TYR A 57 -11.36 -15.14 19.03
C TYR A 57 -10.88 -15.95 20.23
N PHE A 58 -11.70 -16.09 21.28
CA PHE A 58 -11.30 -16.75 22.50
C PHE A 58 -10.91 -18.23 22.26
N ARG A 59 -11.70 -18.96 21.45
CA ARG A 59 -11.44 -20.35 21.10
C ARG A 59 -10.12 -20.47 20.33
N ALA A 60 -9.93 -19.63 19.31
CA ALA A 60 -8.72 -19.68 18.50
C ALA A 60 -7.52 -19.49 19.40
N VAL A 61 -7.58 -18.47 20.28
CA VAL A 61 -6.44 -18.21 21.13
C VAL A 61 -6.25 -19.37 22.12
N THR A 62 -7.37 -19.91 22.67
CA THR A 62 -7.20 -20.81 23.80
C THR A 62 -6.96 -22.21 23.27
N THR A 63 -7.21 -22.46 21.98
CA THR A 63 -7.01 -23.79 21.46
C THR A 63 -5.71 -23.88 20.66
N TYR A 64 -5.10 -22.74 20.27
CA TYR A 64 -3.96 -22.80 19.38
C TYR A 64 -2.68 -23.26 20.09
N VAL A 65 -1.96 -24.19 19.42
CA VAL A 65 -0.71 -24.73 19.91
C VAL A 65 0.25 -24.86 18.73
N ASN A 66 1.56 -24.65 19.01
CA ASN A 66 2.63 -24.90 18.06
C ASN A 66 3.58 -25.94 18.66
N GLU A 67 3.54 -27.17 18.14
CA GLU A 67 4.24 -28.31 18.71
C GLU A 67 5.75 -28.11 18.69
N SER A 68 6.28 -27.53 17.60
CA SER A 68 7.70 -27.39 17.45
C SER A 68 8.28 -26.41 18.48
N LYS A 69 7.41 -25.68 19.19
CA LYS A 69 7.87 -24.82 20.29
C LYS A 69 7.76 -25.53 21.64
N TYR A 70 7.08 -26.67 21.73
CA TYR A 70 6.97 -27.36 23.00
C TYR A 70 8.38 -27.68 23.53
N GLU A 71 9.23 -28.29 22.68
CA GLU A 71 10.55 -28.76 23.08
C GLU A 71 11.25 -27.75 23.99
N LYS A 72 11.25 -26.46 23.61
CA LYS A 72 12.05 -25.45 24.32
C LYS A 72 11.37 -25.11 25.63
N LEU A 73 10.03 -25.27 25.64
CA LEU A 73 9.21 -25.05 26.81
C LEU A 73 9.37 -26.22 27.79
N LYS A 74 9.38 -27.46 27.25
CA LYS A 74 9.61 -28.64 28.07
C LYS A 74 10.95 -28.48 28.81
N TYR A 75 12.02 -28.13 28.06
CA TYR A 75 13.32 -27.82 28.64
C TYR A 75 13.22 -26.72 29.72
N LYS A 76 12.66 -25.56 29.35
CA LYS A 76 12.63 -24.41 30.26
C LYS A 76 12.01 -24.79 31.61
N ARG A 77 10.92 -25.56 31.54
CA ARG A 77 10.16 -25.90 32.72
C ARG A 77 10.89 -27.00 33.49
N CYS A 78 11.43 -27.98 32.77
CA CYS A 78 12.34 -28.96 33.36
C CYS A 78 13.49 -28.28 34.10
N LYS A 79 14.18 -27.36 33.42
CA LYS A 79 15.35 -26.71 33.99
C LYS A 79 14.99 -26.13 35.36
N TYR A 80 13.80 -25.51 35.45
CA TYR A 80 13.38 -24.81 36.66
C TYR A 80 12.93 -25.77 37.77
N LEU A 81 12.55 -27.00 37.43
CA LEU A 81 12.13 -27.98 38.42
C LEU A 81 13.22 -29.04 38.65
N ASN A 82 13.99 -29.35 37.58
CA ASN A 82 15.08 -30.33 37.54
C ASN A 82 14.56 -31.67 36.99
N LYS A 97 -2.49 -35.25 21.22
CA LYS A 97 -2.09 -33.91 20.71
C LYS A 97 -1.87 -32.93 21.88
N LEU A 98 -0.85 -32.09 21.72
CA LEU A 98 -0.57 -31.04 22.69
C LEU A 98 -1.79 -30.12 22.83
N GLN A 99 -1.97 -29.61 24.04
CA GLN A 99 -3.15 -28.86 24.37
C GLN A 99 -2.74 -27.77 25.32
N ASN A 100 -3.54 -26.70 25.35
CA ASN A 100 -3.41 -25.66 26.35
C ASN A 100 -4.25 -26.02 27.55
N VAL A 101 -3.97 -25.28 28.63
CA VAL A 101 -4.63 -25.43 29.91
C VAL A 101 -5.50 -24.19 30.02
N VAL A 102 -6.72 -24.35 30.54
CA VAL A 102 -7.56 -23.22 30.87
C VAL A 102 -8.01 -23.37 32.32
N VAL A 103 -7.95 -22.27 33.04
CA VAL A 103 -8.28 -22.24 34.45
C VAL A 103 -9.45 -21.28 34.60
N MET A 104 -10.49 -21.73 35.33
CA MET A 104 -11.69 -20.97 35.56
C MET A 104 -12.02 -20.98 37.05
N GLY A 105 -12.53 -19.86 37.55
CA GLY A 105 -13.22 -19.83 38.82
C GLY A 105 -14.50 -20.63 38.71
N ARG A 106 -15.06 -20.99 39.86
CA ARG A 106 -16.20 -21.89 39.89
C ARG A 106 -17.43 -21.18 39.34
N THR A 107 -17.62 -19.89 39.67
CA THR A 107 -18.75 -19.14 39.14
C THR A 107 -18.67 -19.08 37.61
N ASN A 108 -17.47 -18.77 37.11
CA ASN A 108 -17.19 -18.81 35.69
C ASN A 108 -17.62 -20.15 35.09
N TRP A 109 -17.13 -21.27 35.63
CA TRP A 109 -17.51 -22.59 35.12
C TRP A 109 -19.03 -22.79 35.04
N GLU A 110 -19.78 -22.33 36.05
CA GLU A 110 -21.21 -22.54 36.10
C GLU A 110 -21.94 -21.65 35.08
N SER A 111 -21.33 -20.53 34.67
CA SER A 111 -21.94 -19.66 33.70
C SER A 111 -21.90 -20.24 32.28
N ILE A 112 -21.07 -21.25 32.02
CA ILE A 112 -20.92 -21.79 30.68
C ILE A 112 -22.02 -22.83 30.42
N PRO A 113 -22.74 -22.75 29.28
CA PRO A 113 -23.72 -23.78 28.89
C PRO A 113 -23.14 -25.19 28.90
N LYS A 114 -23.97 -26.17 29.29
CA LYS A 114 -23.55 -27.55 29.44
C LYS A 114 -22.87 -28.05 28.17
N LYS A 115 -23.51 -27.84 26.99
CA LYS A 115 -22.98 -28.33 25.72
C LYS A 115 -21.58 -27.78 25.38
N PHE A 116 -21.03 -26.84 26.17
CA PHE A 116 -19.71 -26.29 25.90
C PHE A 116 -18.70 -26.76 26.93
N LYS A 117 -19.11 -27.72 27.76
CA LYS A 117 -18.34 -28.19 28.89
C LYS A 117 -18.04 -29.66 28.68
N PRO A 118 -16.80 -30.13 29.00
CA PRO A 118 -15.66 -29.24 29.23
C PRO A 118 -15.25 -28.52 27.94
N LEU A 119 -14.45 -27.44 28.04
CA LEU A 119 -14.10 -26.68 26.86
C LEU A 119 -13.23 -27.56 25.97
N SER A 120 -13.55 -27.63 24.69
CA SER A 120 -13.05 -28.67 23.83
C SER A 120 -11.58 -28.42 23.51
N ASN A 121 -10.79 -29.50 23.34
CA ASN A 121 -9.40 -29.43 22.95
C ASN A 121 -8.55 -28.62 23.93
N ARG A 122 -8.97 -28.56 25.21
CA ARG A 122 -8.28 -27.80 26.24
C ARG A 122 -8.28 -28.60 27.54
N ILE A 123 -7.26 -28.40 28.37
CA ILE A 123 -7.23 -29.03 29.68
C ILE A 123 -7.92 -28.08 30.65
N ASN A 124 -9.10 -28.50 31.11
CA ASN A 124 -9.93 -27.68 31.98
C ASN A 124 -9.53 -27.79 33.46
N VAL A 125 -9.27 -26.65 34.09
CA VAL A 125 -8.96 -26.61 35.50
C VAL A 125 -9.95 -25.68 36.19
N ILE A 126 -10.38 -26.03 37.39
CA ILE A 126 -11.35 -25.21 38.10
C ILE A 126 -10.84 -24.93 39.51
N LEU A 127 -10.95 -23.65 39.93
CA LEU A 127 -10.70 -23.23 41.31
C LEU A 127 -12.01 -23.27 42.10
N SER A 128 -11.98 -23.86 43.29
CA SER A 128 -13.18 -24.00 44.12
C SER A 128 -12.77 -24.43 45.53
N ARG A 129 -13.58 -24.07 46.52
CA ARG A 129 -13.48 -24.63 47.85
C ARG A 129 -14.73 -25.45 48.08
N THR A 130 -15.90 -24.89 47.72
CA THR A 130 -17.15 -25.51 48.10
C THR A 130 -17.40 -26.80 47.31
N LEU A 131 -16.68 -26.99 46.20
CA LEU A 131 -16.89 -28.14 45.33
C LEU A 131 -15.61 -28.96 45.29
N LYS A 132 -15.82 -30.28 45.20
CA LYS A 132 -14.75 -31.24 45.18
C LYS A 132 -14.83 -32.07 43.89
N LYS A 133 -13.81 -32.88 43.60
CA LYS A 133 -13.83 -33.63 42.34
C LYS A 133 -15.11 -34.47 42.19
N GLU A 134 -15.72 -34.95 43.30
CA GLU A 134 -16.88 -35.83 43.28
C GLU A 134 -18.14 -35.09 42.79
N ASP A 135 -18.11 -33.74 42.88
CA ASP A 135 -19.20 -32.88 42.45
C ASP A 135 -19.29 -32.75 40.92
N PHE A 136 -18.27 -33.24 40.17
CA PHE A 136 -18.24 -33.01 38.73
C PHE A 136 -18.26 -34.35 38.00
N ASP A 137 -19.14 -34.50 37.01
CA ASP A 137 -19.11 -35.64 36.07
C ASP A 137 -17.97 -35.48 35.05
N GLU A 138 -17.53 -34.23 34.76
CA GLU A 138 -16.73 -33.96 33.56
C GLU A 138 -15.24 -34.24 33.82
N ASP A 139 -14.53 -34.40 32.70
CA ASP A 139 -13.08 -34.53 32.64
C ASP A 139 -12.46 -33.16 32.91
N VAL A 140 -12.13 -32.91 34.18
CA VAL A 140 -11.66 -31.63 34.65
C VAL A 140 -10.78 -31.90 35.87
N TYR A 141 -9.83 -31.01 36.14
CA TYR A 141 -9.05 -31.04 37.38
C TYR A 141 -9.69 -30.03 38.32
N ILE A 142 -9.86 -30.38 39.59
CA ILE A 142 -10.26 -29.42 40.62
C ILE A 142 -9.06 -29.07 41.52
N ILE A 143 -8.80 -27.78 41.70
CA ILE A 143 -7.75 -27.28 42.60
C ILE A 143 -8.38 -26.31 43.60
N ASN A 144 -7.93 -26.36 44.87
CA ASN A 144 -8.55 -25.58 45.95
C ASN A 144 -7.69 -24.36 46.30
N LYS A 145 -6.58 -24.18 45.58
CA LYS A 145 -5.67 -23.08 45.86
C LYS A 145 -4.82 -22.84 44.62
N VAL A 146 -4.23 -21.63 44.52
CA VAL A 146 -3.48 -21.28 43.33
C VAL A 146 -2.14 -22.02 43.34
N GLU A 147 -1.52 -22.06 44.54
CA GLU A 147 -0.30 -22.82 44.77
C GLU A 147 -0.42 -24.22 44.13
N ASP A 148 -1.60 -24.86 44.19
CA ASP A 148 -1.79 -26.20 43.64
C ASP A 148 -1.84 -26.18 42.10
N LEU A 149 -2.19 -25.03 41.52
CA LEU A 149 -2.17 -24.87 40.08
C LEU A 149 -0.74 -24.95 39.56
N ILE A 150 0.18 -24.24 40.22
CA ILE A 150 1.59 -24.30 39.84
C ILE A 150 2.07 -25.75 39.94
N VAL A 151 1.66 -26.46 40.99
CA VAL A 151 2.11 -27.82 41.17
C VAL A 151 1.60 -28.66 40.01
N LEU A 152 0.34 -28.48 39.63
CA LEU A 152 -0.26 -29.22 38.51
C LEU A 152 0.44 -28.93 37.18
N LEU A 153 0.62 -27.64 36.87
CA LEU A 153 1.33 -27.21 35.67
C LEU A 153 2.71 -27.87 35.59
N GLY A 154 3.36 -27.97 36.76
CA GLY A 154 4.61 -28.70 36.90
C GLY A 154 4.48 -30.16 36.50
N LYS A 155 3.30 -30.75 36.64
CA LYS A 155 3.13 -32.17 36.36
C LYS A 155 2.73 -32.41 34.91
N LEU A 156 2.12 -31.44 34.23
CA LEU A 156 1.38 -31.76 33.01
C LEU A 156 2.18 -31.39 31.75
N ASN A 157 1.93 -32.11 30.67
CA ASN A 157 2.35 -31.69 29.34
C ASN A 157 1.33 -30.75 28.71
N TYR A 158 1.75 -29.50 28.44
CA TYR A 158 0.87 -28.48 27.90
C TYR A 158 1.69 -27.40 27.20
N TYR A 159 1.06 -26.71 26.22
CA TYR A 159 1.65 -25.56 25.54
C TYR A 159 1.54 -24.32 26.43
N LYS A 160 0.34 -23.72 26.54
CA LYS A 160 0.20 -22.49 27.32
C LYS A 160 -0.97 -22.60 28.27
N CYS A 161 -1.03 -21.67 29.23
CA CYS A 161 -2.00 -21.68 30.31
C CYS A 161 -2.75 -20.35 30.31
N PHE A 162 -4.05 -20.44 29.97
CA PHE A 162 -4.94 -19.29 29.90
C PHE A 162 -5.89 -19.29 31.10
N ILE A 163 -5.90 -18.15 31.81
CA ILE A 163 -6.80 -17.86 32.92
C ILE A 163 -8.04 -17.17 32.36
N LEU A 164 -9.22 -17.70 32.63
CA LEU A 164 -10.43 -17.32 31.90
C LEU A 164 -11.37 -16.49 32.76
N GLY A 165 -10.93 -16.07 33.97
CA GLY A 165 -11.77 -15.35 34.93
C GLY A 165 -12.47 -16.33 35.88
N GLY A 166 -13.44 -15.88 36.67
CA GLY A 166 -14.09 -14.58 36.60
C GLY A 166 -13.30 -13.49 37.33
N SER A 167 -14.01 -12.52 37.88
CA SER A 167 -13.36 -11.37 38.46
C SER A 167 -12.45 -11.77 39.62
N VAL A 168 -12.99 -12.60 40.54
CA VAL A 168 -12.20 -13.00 41.69
C VAL A 168 -10.93 -13.72 41.23
N VAL A 169 -11.06 -14.58 40.21
CA VAL A 169 -9.89 -15.27 39.69
C VAL A 169 -8.93 -14.25 39.08
N TYR A 170 -9.43 -13.36 38.21
CA TYR A 170 -8.53 -12.41 37.60
C TYR A 170 -7.75 -11.67 38.69
N GLN A 171 -8.50 -11.13 39.65
CA GLN A 171 -8.00 -10.20 40.65
C GLN A 171 -6.77 -10.82 41.35
N GLU A 172 -6.88 -12.08 41.77
CA GLU A 172 -5.82 -12.73 42.53
C GLU A 172 -4.64 -13.14 41.63
N PHE A 173 -4.86 -13.43 40.35
CA PHE A 173 -3.72 -13.74 39.49
C PHE A 173 -2.94 -12.48 39.10
N LEU A 174 -3.61 -11.33 39.09
CA LEU A 174 -2.90 -10.07 38.84
C LEU A 174 -2.06 -9.66 40.05
N GLU A 175 -2.67 -9.76 41.25
CA GLU A 175 -2.03 -9.46 42.53
C GLU A 175 -0.73 -10.26 42.69
N LYS A 176 -0.82 -11.56 42.38
CA LYS A 176 0.30 -12.45 42.58
C LYS A 176 1.32 -12.29 41.46
N LYS A 177 1.14 -11.37 40.52
CA LYS A 177 2.13 -11.16 39.48
C LYS A 177 2.29 -12.41 38.59
N LEU A 178 1.19 -13.10 38.33
CA LEU A 178 1.24 -14.38 37.66
C LEU A 178 0.82 -14.32 36.19
N ILE A 179 0.55 -13.12 35.65
CA ILE A 179 0.08 -12.95 34.29
C ILE A 179 1.18 -12.30 33.46
N LYS A 180 1.60 -12.99 32.39
CA LYS A 180 2.65 -12.53 31.50
C LYS A 180 2.06 -11.56 30.47
N LYS A 181 0.80 -11.81 30.10
CA LYS A 181 0.12 -10.97 29.14
C LYS A 181 -1.38 -11.17 29.26
N ILE A 182 -2.11 -10.08 28.97
CA ILE A 182 -3.56 -10.01 28.99
C ILE A 182 -4.06 -9.83 27.57
N TYR A 183 -4.84 -10.81 27.09
CA TYR A 183 -5.52 -10.68 25.82
C TYR A 183 -6.91 -10.09 26.12
N PHE A 184 -7.16 -8.87 25.64
CA PHE A 184 -8.27 -8.09 26.17
C PHE A 184 -9.16 -7.66 25.03
N THR A 185 -10.44 -8.02 25.12
CA THR A 185 -11.41 -7.62 24.13
C THR A 185 -12.17 -6.40 24.68
N ARG A 186 -12.16 -5.29 23.91
CA ARG A 186 -12.97 -4.14 24.18
C ARG A 186 -14.29 -4.25 23.44
N ILE A 187 -15.37 -4.58 24.16
CA ILE A 187 -16.69 -4.57 23.58
C ILE A 187 -17.25 -3.17 23.65
N ASN A 188 -17.56 -2.57 22.50
CA ASN A 188 -17.82 -1.14 22.50
C ASN A 188 -19.31 -0.87 22.58
N SER A 189 -19.89 -1.34 23.70
CA SER A 189 -21.26 -1.06 24.08
C SER A 189 -21.38 -1.00 25.60
N THR A 190 -22.54 -0.50 26.05
CA THR A 190 -22.82 -0.46 27.49
C THR A 190 -23.85 -1.53 27.87
N TYR A 191 -23.60 -2.24 28.97
CA TYR A 191 -24.60 -3.16 29.51
C TYR A 191 -24.64 -3.03 31.04
N GLU A 192 -25.67 -3.65 31.62
CA GLU A 192 -25.77 -3.73 33.06
C GLU A 192 -24.74 -4.74 33.53
N CYS A 193 -23.88 -4.31 34.48
CA CYS A 193 -22.84 -5.17 35.03
C CYS A 193 -22.90 -5.24 36.56
N ASP A 194 -22.43 -6.36 37.14
CA ASP A 194 -22.29 -6.48 38.60
C ASP A 194 -20.88 -6.92 39.00
N VAL A 195 -20.02 -7.32 38.05
CA VAL A 195 -18.63 -7.61 38.36
C VAL A 195 -17.74 -7.03 37.25
N PHE A 196 -16.49 -6.81 37.60
CA PHE A 196 -15.64 -5.92 36.84
C PHE A 196 -14.20 -6.43 36.83
N PHE A 197 -13.54 -6.32 35.68
CA PHE A 197 -12.12 -6.62 35.59
C PHE A 197 -11.38 -5.63 36.49
N PRO A 198 -10.27 -6.03 37.12
CA PRO A 198 -9.49 -5.08 37.93
C PRO A 198 -8.91 -3.96 37.07
N GLU A 199 -8.76 -2.79 37.68
CA GLU A 199 -8.07 -1.67 37.05
C GLU A 199 -6.65 -2.14 36.80
N ILE A 200 -6.19 -2.09 35.56
CA ILE A 200 -4.83 -2.50 35.24
C ILE A 200 -3.90 -1.36 35.65
N ASN A 201 -2.67 -1.67 36.09
CA ASN A 201 -1.71 -0.64 36.41
C ASN A 201 -0.76 -0.41 35.22
N GLU A 202 -0.76 0.83 34.70
CA GLU A 202 0.03 1.20 33.54
C GLU A 202 1.51 0.90 33.79
N ASN A 203 1.94 0.93 35.05
CA ASN A 203 3.34 0.67 35.37
C ASN A 203 3.67 -0.82 35.31
N GLU A 204 2.66 -1.67 35.50
CA GLU A 204 2.85 -3.10 35.57
C GLU A 204 2.68 -3.66 34.16
N TYR A 205 1.68 -3.16 33.46
CA TYR A 205 1.30 -3.69 32.14
C TYR A 205 1.14 -2.54 31.18
N GLN A 206 1.66 -2.73 29.95
CA GLN A 206 1.43 -1.78 28.89
C GLN A 206 1.01 -2.49 27.60
N ILE A 207 0.18 -1.80 26.82
CA ILE A 207 -0.32 -2.33 25.57
C ILE A 207 0.80 -2.40 24.55
N ILE A 208 0.90 -3.51 23.84
CA ILE A 208 1.90 -3.69 22.80
C ILE A 208 1.26 -3.92 21.44
N SER A 209 -0.06 -4.14 21.38
CA SER A 209 -0.70 -4.57 20.14
C SER A 209 -2.20 -4.32 20.15
N VAL A 210 -2.74 -3.98 18.96
CA VAL A 210 -4.12 -3.57 18.79
C VAL A 210 -4.62 -4.08 17.45
N SER A 211 -5.79 -4.72 17.47
CA SER A 211 -6.33 -5.37 16.30
C SER A 211 -7.01 -4.37 15.38
N ASP A 212 -7.38 -4.86 14.19
CA ASP A 212 -8.40 -4.28 13.34
C ASP A 212 -9.67 -4.10 14.19
N VAL A 213 -10.59 -3.22 13.78
CA VAL A 213 -11.90 -3.10 14.41
C VAL A 213 -12.94 -3.91 13.62
N TYR A 214 -13.95 -4.42 14.32
CA TYR A 214 -14.91 -5.33 13.71
C TYR A 214 -16.29 -4.98 14.23
N THR A 215 -17.31 -5.47 13.53
CA THR A 215 -18.66 -5.46 14.06
C THR A 215 -19.16 -6.89 14.22
N SER A 216 -19.85 -7.14 15.32
CA SER A 216 -20.47 -8.43 15.56
C SER A 216 -21.69 -8.21 16.42
N ASN A 217 -22.84 -8.79 16.06
CA ASN A 217 -24.00 -8.69 16.94
C ASN A 217 -24.28 -7.22 17.31
N ASN A 218 -24.19 -6.34 16.33
CA ASN A 218 -24.56 -4.96 16.53
C ASN A 218 -23.69 -4.26 17.56
N THR A 219 -22.38 -4.56 17.63
CA THR A 219 -21.46 -3.77 18.44
C THR A 219 -20.13 -3.81 17.74
N THR A 220 -19.39 -2.70 17.79
CA THR A 220 -18.01 -2.80 17.38
C THR A 220 -17.23 -3.35 18.57
N LEU A 221 -16.06 -3.93 18.23
CA LEU A 221 -15.10 -4.41 19.20
C LEU A 221 -13.71 -4.42 18.55
N ASP A 222 -12.68 -4.37 19.41
CA ASP A 222 -11.33 -4.73 19.00
C ASP A 222 -10.66 -5.57 20.09
N PHE A 223 -9.43 -5.97 19.79
CA PHE A 223 -8.69 -6.95 20.58
C PHE A 223 -7.28 -6.40 20.78
N ILE A 224 -6.89 -6.30 22.06
CA ILE A 224 -5.61 -5.72 22.39
C ILE A 224 -4.86 -6.67 23.32
N ILE A 225 -3.53 -6.54 23.29
CA ILE A 225 -2.64 -7.39 24.04
C ILE A 225 -1.87 -6.48 24.97
N TYR A 226 -1.96 -6.74 26.28
CA TYR A 226 -1.16 -6.03 27.26
C TYR A 226 0.02 -6.91 27.62
N LYS A 227 1.20 -6.30 27.77
CA LYS A 227 2.42 -7.02 28.14
C LYS A 227 2.94 -6.50 29.49
N LYS A 228 3.52 -7.41 30.28
CA LYS A 228 4.06 -7.03 31.58
C LYS A 228 5.43 -6.38 31.35
N THR A 229 5.74 -5.31 32.08
CA THR A 229 6.84 -4.44 31.70
C THR A 229 8.18 -5.00 32.16
N ASP A 284 16.65 -20.51 6.32
CA ASP A 284 17.23 -19.22 6.77
C ASP A 284 18.46 -18.84 5.94
N GLU A 285 18.59 -19.44 4.75
CA GLU A 285 19.58 -19.00 3.76
C GLU A 285 19.13 -17.65 3.20
N GLU A 286 17.85 -17.59 2.83
CA GLU A 286 17.21 -16.47 2.15
C GLU A 286 17.19 -15.21 3.02
N GLU A 287 17.71 -15.27 4.25
CA GLU A 287 17.76 -14.11 5.12
C GLU A 287 18.91 -13.19 4.71
N ASP A 288 20.00 -13.79 4.22
CA ASP A 288 21.19 -13.04 3.84
C ASP A 288 20.92 -12.29 2.52
N ASP A 289 20.16 -12.94 1.62
CA ASP A 289 19.76 -12.34 0.35
C ASP A 289 18.94 -11.08 0.58
N PHE A 290 18.14 -11.07 1.66
CA PHE A 290 17.41 -9.87 2.08
C PHE A 290 18.40 -8.75 2.39
N VAL A 291 19.40 -9.04 3.21
CA VAL A 291 20.37 -8.02 3.59
C VAL A 291 21.03 -7.46 2.33
N TYR A 292 21.40 -8.36 1.41
CA TYR A 292 22.06 -7.97 0.17
C TYR A 292 21.20 -6.95 -0.57
N PHE A 293 19.94 -7.31 -0.83
CA PHE A 293 19.02 -6.45 -1.59
C PHE A 293 18.78 -5.11 -0.89
N ASN A 294 19.24 -4.91 0.35
CA ASN A 294 19.01 -3.66 1.07
C ASN A 294 20.29 -2.85 1.15
N PHE A 295 21.28 -3.16 0.30
CA PHE A 295 22.60 -2.54 0.38
C PHE A 295 22.58 -1.05 0.03
N ASN A 296 21.43 -0.42 -0.23
CA ASN A 296 21.45 0.93 -0.79
C ASN A 296 20.42 1.86 -0.12
N LYS A 297 20.45 1.97 1.22
CA LYS A 297 19.44 2.78 1.91
C LYS A 297 20.04 4.13 2.37
N LYS A 304 15.68 12.33 8.24
CA LYS A 304 16.23 13.65 7.80
C LYS A 304 15.77 14.75 8.76
N ASN A 305 14.45 14.79 9.02
CA ASN A 305 13.84 15.85 9.82
C ASN A 305 14.20 15.60 11.29
N SER A 306 14.38 16.71 12.03
CA SER A 306 14.85 16.67 13.41
C SER A 306 13.66 16.40 14.33
N ILE A 307 13.13 15.18 14.21
CA ILE A 307 12.16 14.67 15.15
C ILE A 307 12.89 13.58 15.95
N HIS A 308 12.87 13.72 17.28
CA HIS A 308 13.52 12.77 18.18
C HIS A 308 12.66 11.51 18.20
N PRO A 309 13.24 10.34 17.86
CA PRO A 309 12.49 9.09 17.84
C PRO A 309 11.84 8.85 19.19
N ASN A 310 12.54 9.28 20.25
CA ASN A 310 12.05 9.18 21.61
C ASN A 310 10.65 9.77 21.72
N ASP A 311 10.43 10.89 21.03
CA ASP A 311 9.14 11.59 21.08
C ASP A 311 8.01 10.71 20.52
N PHE A 312 8.34 9.53 19.94
CA PHE A 312 7.34 8.55 19.56
C PHE A 312 7.47 7.23 20.35
N GLN A 313 7.76 7.30 21.66
CA GLN A 313 8.05 6.13 22.51
C GLN A 313 6.95 5.07 22.41
N ILE A 314 5.74 5.49 22.84
CA ILE A 314 4.57 4.61 22.81
C ILE A 314 4.31 4.11 21.39
N TYR A 315 4.21 5.01 20.42
CA TYR A 315 3.95 4.65 19.04
C TYR A 315 4.93 3.59 18.52
N ASN A 316 6.21 3.70 18.88
CA ASN A 316 7.21 2.83 18.27
C ASN A 316 7.35 1.55 19.08
N SER A 317 6.86 1.58 20.31
CA SER A 317 6.90 0.38 21.15
C SER A 317 5.90 -0.66 20.64
N LEU A 318 4.75 -0.23 20.09
CA LEU A 318 3.70 -1.15 19.64
C LEU A 318 4.26 -2.06 18.57
N LYS A 319 3.94 -3.35 18.69
CA LYS A 319 4.37 -4.36 17.75
C LYS A 319 3.39 -4.42 16.58
N TYR A 320 2.09 -4.53 16.87
CA TYR A 320 1.09 -4.69 15.81
C TYR A 320 0.11 -3.52 15.83
N LYS A 321 0.24 -2.67 14.80
CA LYS A 321 -0.60 -1.47 14.73
C LYS A 321 -1.70 -1.71 13.70
N TYR A 322 -2.63 -2.66 13.94
CA TYR A 322 -3.60 -3.06 12.92
C TYR A 322 -4.92 -2.28 13.00
N HIS A 323 -5.14 -1.47 14.06
CA HIS A 323 -6.30 -0.60 14.12
C HIS A 323 -6.32 0.37 12.92
N PRO A 324 -7.45 0.47 12.15
CA PRO A 324 -7.47 1.24 10.90
C PRO A 324 -7.17 2.73 11.10
N GLU A 325 -7.18 3.22 12.35
CA GLU A 325 -6.76 4.58 12.64
C GLU A 325 -5.27 4.73 12.35
N TYR A 326 -4.54 3.61 12.28
CA TYR A 326 -3.11 3.68 12.01
C TYR A 326 -2.83 4.03 10.54
N GLN A 327 -3.83 3.93 9.66
CA GLN A 327 -3.62 4.42 8.32
C GLN A 327 -3.32 5.92 8.39
N TYR A 328 -4.15 6.65 9.13
CA TYR A 328 -4.00 8.08 9.28
C TYR A 328 -2.69 8.36 10.02
N LEU A 329 -2.55 7.85 11.25
CA LEU A 329 -1.41 8.17 12.11
C LEU A 329 -0.07 7.80 11.44
N ASN A 330 -0.02 6.69 10.73
CA ASN A 330 1.22 6.24 10.11
C ASN A 330 1.63 7.21 8.99
N ILE A 331 0.65 7.72 8.25
CA ILE A 331 0.89 8.72 7.21
C ILE A 331 1.45 10.00 7.82
N ILE A 332 0.97 10.37 9.00
CA ILE A 332 1.53 11.50 9.73
C ILE A 332 2.99 11.24 10.06
N TYR A 333 3.26 10.01 10.48
CA TYR A 333 4.60 9.69 10.94
C TYR A 333 5.56 9.84 9.77
N ASP A 334 5.06 9.36 8.61
CA ASP A 334 5.83 9.26 7.39
C ASP A 334 6.16 10.64 6.86
N ILE A 335 5.20 11.54 6.96
CA ILE A 335 5.44 12.93 6.59
C ILE A 335 6.43 13.58 7.58
N MET A 336 6.34 13.26 8.88
CA MET A 336 7.25 13.87 9.85
C MET A 336 8.69 13.42 9.58
N MET A 337 8.89 12.12 9.36
CA MET A 337 10.23 11.58 9.18
C MET A 337 10.79 11.85 7.79
N ASN A 338 9.97 11.78 6.73
CA ASN A 338 10.49 11.81 5.36
C ASN A 338 9.92 12.96 4.54
N GLY A 339 9.03 13.75 5.10
CA GLY A 339 8.47 14.88 4.40
C GLY A 339 9.52 15.85 3.83
N ASN A 340 9.06 16.71 2.92
CA ASN A 340 9.89 17.70 2.28
C ASN A 340 9.51 19.03 2.90
N LYS A 341 10.50 19.86 3.27
CA LYS A 341 10.19 21.19 3.76
C LYS A 341 9.85 22.04 2.54
N GLN A 342 8.71 22.76 2.59
CA GLN A 342 8.25 23.72 1.59
C GLN A 342 7.55 24.85 2.36
N SER A 343 7.48 26.06 1.80
CA SER A 343 6.59 27.09 2.33
C SER A 343 5.29 27.12 1.51
N ASP A 344 4.21 27.55 2.17
CA ASP A 344 2.90 27.69 1.55
C ASP A 344 2.54 29.18 1.58
N ARG A 345 1.35 29.52 1.06
CA ARG A 345 0.86 30.90 1.02
C ARG A 345 1.16 31.62 2.33
N THR A 346 0.62 31.08 3.44
CA THR A 346 0.68 31.72 4.75
C THR A 346 2.11 32.14 5.10
N GLY A 347 3.06 31.21 4.94
CA GLY A 347 4.43 31.40 5.39
C GLY A 347 4.80 30.45 6.53
N VAL A 348 3.79 29.64 6.92
CA VAL A 348 3.92 28.65 7.98
C VAL A 348 5.02 27.67 7.60
N GLY A 349 4.89 27.12 6.41
CA GLY A 349 5.70 25.99 5.99
C GLY A 349 5.02 24.68 6.39
N VAL A 350 5.29 23.64 5.59
CA VAL A 350 4.76 22.32 5.83
C VAL A 350 5.85 21.30 5.59
N LEU A 351 5.62 20.11 6.14
CA LEU A 351 6.26 18.94 5.59
C LEU A 351 5.25 18.34 4.63
N SER A 352 5.69 17.99 3.41
CA SER A 352 4.80 17.48 2.39
C SER A 352 5.30 16.14 1.86
N LYS A 353 4.35 15.28 1.46
CA LYS A 353 4.63 14.17 0.56
C LYS A 353 3.49 14.13 -0.48
N PHE A 354 3.48 13.11 -1.36
CA PHE A 354 2.67 13.14 -2.57
C PHE A 354 2.20 11.72 -2.89
N GLY A 355 0.91 11.46 -2.63
CA GLY A 355 0.26 10.24 -3.11
C GLY A 355 0.16 9.13 -2.06
N TYR A 356 -0.98 9.08 -1.39
CA TYR A 356 -1.28 8.03 -0.42
C TYR A 356 -2.70 7.51 -0.65
N ILE A 357 -2.97 6.27 -0.22
CA ILE A 357 -4.34 5.79 -0.20
C ILE A 357 -4.66 5.27 1.20
N MET A 358 -5.83 5.60 1.75
CA MET A 358 -6.34 4.93 2.93
C MET A 358 -7.63 4.19 2.53
N LYS A 359 -7.92 3.05 3.18
CA LYS A 359 -9.18 2.36 2.96
C LYS A 359 -9.85 2.13 4.31
N PHE A 360 -11.13 2.48 4.46
CA PHE A 360 -11.86 2.19 5.69
C PHE A 360 -13.09 1.32 5.36
N ASP A 361 -13.30 0.26 6.18
CA ASP A 361 -14.43 -0.62 5.97
C ASP A 361 -15.65 -0.13 6.77
N LEU A 362 -16.58 0.54 6.11
CA LEU A 362 -17.76 1.04 6.79
C LEU A 362 -18.75 -0.10 7.09
N SER A 363 -18.58 -1.33 6.50
CA SER A 363 -19.37 -2.47 6.98
C SER A 363 -19.06 -2.76 8.44
N GLN A 364 -17.86 -2.45 8.93
CA GLN A 364 -17.42 -2.89 10.26
C GLN A 364 -17.31 -1.77 11.28
N TYR A 365 -17.23 -0.50 10.83
CA TYR A 365 -17.08 0.62 11.76
C TYR A 365 -17.27 1.95 11.03
N PHE A 366 -17.54 3.02 11.80
CA PHE A 366 -17.52 4.39 11.33
C PHE A 366 -16.18 5.03 11.72
N PRO A 367 -15.29 5.39 10.75
CA PRO A 367 -13.91 5.78 11.07
C PRO A 367 -13.72 7.21 11.51
N LEU A 368 -14.32 7.49 12.67
CA LEU A 368 -14.15 8.75 13.38
C LEU A 368 -12.99 8.62 14.35
N LEU A 369 -11.97 9.47 14.21
CA LEU A 369 -10.73 9.30 14.93
C LEU A 369 -11.02 9.33 16.41
N THR A 370 -10.22 8.54 17.15
CA THR A 370 -10.40 8.42 18.57
C THR A 370 -9.19 8.94 19.32
N THR A 371 -8.09 9.22 18.59
CA THR A 371 -6.92 9.71 19.32
C THR A 371 -7.11 11.17 19.65
N LYS A 372 -8.25 11.74 19.28
CA LYS A 372 -8.66 13.07 19.69
C LYS A 372 -10.14 13.26 19.41
N LYS A 373 -10.72 14.28 20.05
CA LYS A 373 -12.14 14.54 20.01
C LYS A 373 -12.51 15.25 18.71
N LEU A 374 -13.55 14.74 18.04
CA LEU A 374 -14.08 15.29 16.81
C LEU A 374 -15.59 15.40 16.91
N PHE A 375 -16.19 16.48 16.42
CA PHE A 375 -17.64 16.67 16.39
C PHE A 375 -18.15 16.55 14.96
N LEU A 376 -19.42 16.28 14.75
CA LEU A 376 -19.91 16.01 13.41
C LEU A 376 -21.08 16.92 13.05
N ARG A 377 -21.54 17.78 13.96
CA ARG A 377 -22.75 18.52 13.66
C ARG A 377 -22.51 19.37 12.41
N GLY A 378 -21.37 20.10 12.43
CA GLY A 378 -20.99 21.02 11.38
C GLY A 378 -20.79 20.31 10.05
N ILE A 379 -20.09 19.15 10.09
CA ILE A 379 -19.70 18.55 8.81
C ILE A 379 -20.91 17.92 8.20
N ILE A 380 -21.93 17.57 9.01
CA ILE A 380 -23.16 17.05 8.46
C ILE A 380 -23.94 18.23 7.88
N GLU A 381 -23.97 19.34 8.63
CA GLU A 381 -24.68 20.52 8.16
C GLU A 381 -24.11 21.03 6.83
N GLU A 382 -22.77 21.03 6.65
CA GLU A 382 -22.12 21.32 5.37
C GLU A 382 -22.54 20.34 4.28
N LEU A 383 -22.66 19.04 4.63
CA LEU A 383 -22.95 18.03 3.62
C LEU A 383 -24.38 18.24 3.11
N LEU A 384 -25.28 18.57 4.03
CA LEU A 384 -26.66 18.81 3.66
C LEU A 384 -26.78 20.10 2.87
N TRP A 385 -25.97 21.11 3.19
CA TRP A 385 -26.03 22.36 2.48
C TRP A 385 -25.52 22.14 1.05
N PHE A 386 -24.51 21.28 0.91
CA PHE A 386 -24.01 20.94 -0.40
C PHE A 386 -25.14 20.31 -1.22
N ILE A 387 -25.84 19.34 -0.65
CA ILE A 387 -26.77 18.51 -1.40
C ILE A 387 -27.91 19.40 -1.88
N ARG A 388 -28.28 20.39 -1.06
CA ARG A 388 -29.33 21.31 -1.48
C ARG A 388 -28.85 22.27 -2.60
N GLY A 389 -27.56 22.23 -2.94
CA GLY A 389 -27.07 23.08 -4.03
C GLY A 389 -26.60 24.46 -3.56
N GLU A 390 -26.48 24.70 -2.26
CA GLU A 390 -26.42 26.07 -1.76
C GLU A 390 -25.00 26.59 -1.88
N THR A 391 -24.89 27.90 -2.11
CA THR A 391 -23.58 28.53 -2.06
C THR A 391 -23.57 29.67 -1.04
N ASN A 392 -24.57 29.75 -0.14
CA ASN A 392 -24.75 30.91 0.74
C ASN A 392 -24.17 30.61 2.12
N GLY A 393 -23.13 31.35 2.50
CA GLY A 393 -22.41 31.11 3.74
C GLY A 393 -23.27 31.42 4.95
N ASN A 394 -24.24 32.34 4.78
CA ASN A 394 -25.03 32.77 5.92
C ASN A 394 -25.90 31.62 6.43
N THR A 395 -26.29 30.68 5.56
CA THR A 395 -27.14 29.57 5.98
C THR A 395 -26.41 28.78 7.06
N LEU A 396 -25.11 28.56 6.84
CA LEU A 396 -24.31 27.83 7.82
C LEU A 396 -24.10 28.70 9.07
N LEU A 397 -23.70 29.98 8.92
CA LEU A 397 -23.45 30.83 10.08
C LEU A 397 -24.65 30.87 11.03
N ASN A 398 -25.86 30.75 10.49
CA ASN A 398 -27.09 30.85 11.27
C ASN A 398 -27.39 29.56 12.01
N LYS A 399 -26.73 28.47 11.62
CA LYS A 399 -26.74 27.23 12.41
C LYS A 399 -25.47 27.19 13.27
N ASN A 400 -24.78 28.32 13.33
CA ASN A 400 -23.52 28.39 14.04
C ASN A 400 -22.54 27.30 13.57
N VAL A 401 -22.42 27.14 12.25
CA VAL A 401 -21.33 26.41 11.62
C VAL A 401 -20.46 27.40 10.86
N ARG A 402 -19.18 27.41 11.23
CA ARG A 402 -18.26 28.47 10.89
C ARG A 402 -17.15 28.00 9.95
N ILE A 403 -17.25 26.79 9.39
CA ILE A 403 -16.13 26.22 8.66
C ILE A 403 -15.79 27.12 7.46
N TRP A 404 -16.79 27.77 6.83
CA TRP A 404 -16.60 28.59 5.63
C TRP A 404 -16.63 30.09 5.96
N GLU A 405 -16.70 30.46 7.24
CA GLU A 405 -16.71 31.86 7.63
C GLU A 405 -15.52 32.60 7.04
N ALA A 406 -14.30 32.12 7.25
CA ALA A 406 -13.16 32.93 6.84
C ALA A 406 -13.07 33.00 5.30
N ASN A 407 -13.67 32.05 4.59
CA ASN A 407 -13.52 32.08 3.15
C ASN A 407 -14.55 33.02 2.54
N GLY A 408 -15.33 33.70 3.40
CA GLY A 408 -16.41 34.57 2.95
C GLY A 408 -16.27 36.06 3.33
N THR A 409 -15.17 36.50 3.98
CA THR A 409 -15.07 37.89 4.46
C THR A 409 -14.92 38.85 3.28
N ARG A 410 -15.27 40.13 3.47
CA ARG A 410 -14.91 41.12 2.45
C ARG A 410 -13.44 40.96 2.04
N GLU A 411 -12.53 40.86 3.04
CA GLU A 411 -11.08 40.84 2.84
C GLU A 411 -10.66 39.63 2.01
N PHE A 412 -11.22 38.44 2.31
CA PHE A 412 -10.85 37.22 1.66
C PHE A 412 -11.32 37.30 0.21
N LEU A 413 -12.59 37.68 0.02
CA LEU A 413 -13.13 37.77 -1.32
C LEU A 413 -12.34 38.79 -2.16
N ASP A 414 -12.00 39.95 -1.56
CA ASP A 414 -11.20 40.98 -2.26
C ASP A 414 -9.81 40.44 -2.58
N ASN A 415 -9.15 39.71 -1.68
CA ASN A 415 -7.85 39.15 -2.05
C ASN A 415 -8.00 38.16 -3.22
N ARG A 416 -9.20 37.59 -3.39
CA ARG A 416 -9.42 36.65 -4.48
C ARG A 416 -9.82 37.42 -5.71
N LYS A 417 -9.75 38.76 -5.66
CA LYS A 417 -10.24 39.62 -6.73
C LYS A 417 -11.76 39.46 -6.98
N LEU A 418 -12.53 39.03 -5.98
CA LEU A 418 -13.96 38.88 -6.25
C LEU A 418 -14.69 40.10 -5.74
N PHE A 419 -14.29 41.29 -6.26
CA PHE A 419 -14.69 42.58 -5.71
C PHE A 419 -16.19 42.79 -5.79
N HIS A 420 -16.85 42.21 -6.81
CA HIS A 420 -18.30 42.33 -6.97
C HIS A 420 -19.05 41.17 -6.31
N ARG A 421 -18.49 40.51 -5.31
CA ARG A 421 -19.15 39.38 -4.67
C ARG A 421 -19.61 39.82 -3.29
N GLU A 422 -20.88 39.60 -2.92
CA GLU A 422 -21.37 39.87 -1.59
C GLU A 422 -20.67 38.98 -0.56
N VAL A 423 -20.54 39.50 0.67
CA VAL A 423 -19.87 38.80 1.76
C VAL A 423 -20.63 37.49 1.99
N ASN A 424 -19.88 36.41 2.19
CA ASN A 424 -20.46 35.10 2.42
C ASN A 424 -21.15 34.53 1.17
N ASP A 425 -20.98 35.14 0.00
CA ASP A 425 -21.39 34.49 -1.23
C ASP A 425 -20.18 33.77 -1.81
N LEU A 426 -20.11 32.43 -1.67
CA LEU A 426 -18.84 31.75 -1.90
C LEU A 426 -18.64 31.35 -3.36
N GLY A 427 -19.60 31.71 -4.20
CA GLY A 427 -19.40 31.44 -5.60
C GLY A 427 -19.79 29.98 -5.93
N PRO A 428 -19.51 29.54 -7.19
CA PRO A 428 -19.94 28.20 -7.67
C PRO A 428 -19.07 27.06 -7.18
N ILE A 429 -19.22 26.77 -5.90
CA ILE A 429 -18.49 25.74 -5.17
C ILE A 429 -19.31 24.45 -5.14
N TYR A 430 -18.87 23.53 -4.26
CA TYR A 430 -19.38 22.17 -4.18
C TYR A 430 -20.87 22.09 -4.54
N GLY A 431 -21.72 22.66 -3.70
CA GLY A 431 -23.15 22.48 -3.90
C GLY A 431 -23.56 22.81 -5.33
N PHE A 432 -23.10 23.96 -5.80
CA PHE A 432 -23.45 24.43 -7.12
C PHE A 432 -22.99 23.48 -8.22
N GLN A 433 -21.77 22.96 -8.12
CA GLN A 433 -21.23 22.05 -9.11
C GLN A 433 -21.97 20.70 -9.10
N TRP A 434 -22.39 20.25 -7.92
CA TRP A 434 -23.10 19.01 -7.73
C TRP A 434 -24.52 19.07 -8.31
N ARG A 435 -25.18 20.25 -8.24
CA ARG A 435 -26.51 20.33 -8.79
C ARG A 435 -26.57 21.11 -10.10
N HIS A 436 -25.52 21.83 -10.51
CA HIS A 436 -25.70 22.74 -11.63
C HIS A 436 -24.44 22.94 -12.49
N PHE A 437 -23.58 21.93 -12.60
CA PHE A 437 -22.32 22.15 -13.28
C PHE A 437 -22.58 22.64 -14.70
N GLY A 438 -21.88 23.74 -15.01
CA GLY A 438 -21.90 24.32 -16.33
C GLY A 438 -22.85 25.49 -16.45
N ALA A 439 -23.69 25.70 -15.44
CA ALA A 439 -24.58 26.87 -15.41
C ALA A 439 -23.74 28.11 -15.09
N GLU A 440 -24.18 29.27 -15.56
CA GLU A 440 -23.54 30.53 -15.27
C GLU A 440 -23.95 30.98 -13.85
N TYR A 441 -22.99 31.08 -12.96
CA TYR A 441 -23.27 31.53 -11.62
C TYR A 441 -23.53 33.03 -11.70
N THR A 442 -24.54 33.47 -10.92
CA THR A 442 -24.99 34.85 -10.83
C THR A 442 -24.70 35.33 -9.43
N ASN A 443 -25.58 34.99 -8.46
CA ASN A 443 -25.35 35.18 -7.03
C ASN A 443 -26.01 34.08 -6.21
N MET A 444 -25.77 34.08 -4.90
CA MET A 444 -26.14 32.96 -4.06
C MET A 444 -27.63 32.83 -3.87
N TYR A 445 -28.40 33.87 -4.26
CA TYR A 445 -29.84 33.86 -4.11
C TYR A 445 -30.56 33.44 -5.39
N ASP A 446 -29.86 33.18 -6.48
CA ASP A 446 -30.58 32.91 -7.72
C ASP A 446 -31.27 31.54 -7.69
N ASN A 447 -32.33 31.43 -8.48
CA ASN A 447 -33.04 30.18 -8.72
C ASN A 447 -32.43 29.50 -9.94
N TYR A 448 -31.54 28.52 -9.72
CA TYR A 448 -30.82 27.85 -10.80
C TYR A 448 -31.55 26.58 -11.22
N GLU A 449 -32.80 26.36 -10.80
CA GLU A 449 -33.51 25.13 -11.16
C GLU A 449 -33.41 24.92 -12.66
N ASN A 450 -33.03 23.66 -13.01
CA ASN A 450 -32.93 23.08 -14.35
C ASN A 450 -31.84 23.74 -15.19
N LYS A 451 -30.82 24.29 -14.53
CA LYS A 451 -29.62 24.79 -15.18
C LYS A 451 -28.45 23.93 -14.76
N GLY A 452 -27.54 23.72 -15.70
CA GLY A 452 -26.40 22.87 -15.45
C GLY A 452 -26.76 21.39 -15.45
N VAL A 453 -25.76 20.60 -15.13
CA VAL A 453 -25.94 19.17 -14.96
C VAL A 453 -26.03 18.93 -13.47
N ASP A 454 -27.16 18.31 -13.11
CA ASP A 454 -27.41 17.80 -11.77
C ASP A 454 -26.72 16.45 -11.64
N GLN A 455 -25.43 16.51 -11.27
CA GLN A 455 -24.55 15.37 -11.33
C GLN A 455 -24.95 14.44 -10.17
N LEU A 456 -25.49 15.02 -9.09
CA LEU A 456 -25.83 14.21 -7.93
C LEU A 456 -26.96 13.27 -8.31
N LYS A 457 -28.02 13.83 -8.90
CA LYS A 457 -29.11 13.04 -9.45
C LYS A 457 -28.58 11.99 -10.41
N ASN A 458 -27.69 12.36 -11.33
CA ASN A 458 -27.30 11.41 -12.36
C ASN A 458 -26.55 10.23 -11.75
N ILE A 459 -25.74 10.52 -10.71
CA ILE A 459 -24.98 9.40 -10.17
C ILE A 459 -25.89 8.50 -9.33
N ILE A 460 -26.91 9.06 -8.69
CA ILE A 460 -27.87 8.24 -7.97
C ILE A 460 -28.58 7.35 -9.00
N ASN A 461 -28.95 7.91 -10.17
CA ASN A 461 -29.58 7.10 -11.21
C ASN A 461 -28.68 5.98 -11.72
N LEU A 462 -27.39 6.25 -11.93
CA LEU A 462 -26.43 5.25 -12.40
C LEU A 462 -26.25 4.07 -11.45
N ILE A 463 -26.20 4.39 -10.15
CA ILE A 463 -25.98 3.37 -9.15
C ILE A 463 -27.19 2.43 -9.14
N LYS A 464 -28.40 2.97 -9.25
CA LYS A 464 -29.61 2.17 -9.25
C LYS A 464 -29.76 1.36 -10.52
N ASN A 465 -29.52 1.93 -11.71
CA ASN A 465 -30.00 1.32 -12.96
C ASN A 465 -28.87 0.81 -13.86
N ASP A 466 -27.63 1.27 -13.61
CA ASP A 466 -26.49 0.88 -14.41
C ASP A 466 -25.33 0.56 -13.48
N PRO A 467 -25.46 -0.33 -12.46
CA PRO A 467 -24.51 -0.39 -11.34
C PRO A 467 -23.07 -0.75 -11.68
N THR A 468 -22.82 -1.39 -12.84
CA THR A 468 -21.49 -1.80 -13.27
C THR A 468 -20.81 -0.72 -14.15
N SER A 469 -21.48 0.40 -14.41
CA SER A 469 -20.86 1.55 -15.05
C SER A 469 -19.56 1.88 -14.34
N ARG A 470 -18.53 2.19 -15.11
CA ARG A 470 -17.29 2.74 -14.56
C ARG A 470 -17.24 4.24 -14.79
N ARG A 471 -18.40 4.87 -14.87
CA ARG A 471 -18.53 6.29 -15.11
C ARG A 471 -19.27 6.97 -13.97
N ILE A 472 -19.44 6.28 -12.85
CA ILE A 472 -20.21 6.83 -11.75
C ILE A 472 -19.28 7.75 -10.94
N LEU A 473 -19.25 9.03 -11.32
CA LEU A 473 -18.28 10.00 -10.85
C LEU A 473 -19.01 11.31 -10.68
N LEU A 474 -18.65 12.00 -9.62
CA LEU A 474 -19.22 13.26 -9.22
C LEU A 474 -18.06 14.23 -9.02
N CYS A 475 -17.99 15.32 -9.81
CA CYS A 475 -16.78 16.12 -9.94
C CYS A 475 -17.01 17.57 -9.54
N ALA A 476 -16.26 18.05 -8.56
CA ALA A 476 -16.38 19.41 -8.03
C ALA A 476 -15.42 20.38 -8.74
N TRP A 477 -14.53 19.84 -9.56
CA TRP A 477 -13.50 20.71 -10.10
C TRP A 477 -13.86 21.06 -11.54
N ASN A 478 -14.58 22.19 -11.59
CA ASN A 478 -15.02 22.79 -12.82
C ASN A 478 -14.01 23.88 -13.21
N VAL A 479 -13.23 23.58 -14.25
CA VAL A 479 -12.04 24.38 -14.51
C VAL A 479 -12.38 25.84 -14.85
N LYS A 480 -13.52 26.03 -15.52
CA LYS A 480 -14.00 27.32 -15.97
C LYS A 480 -14.36 28.23 -14.81
N ASP A 481 -14.88 27.63 -13.74
CA ASP A 481 -15.43 28.41 -12.63
C ASP A 481 -14.48 28.53 -11.46
N LEU A 482 -13.29 27.96 -11.58
CA LEU A 482 -12.36 27.93 -10.47
C LEU A 482 -12.07 29.35 -9.96
N ASP A 483 -11.82 30.37 -10.82
CA ASP A 483 -11.38 31.68 -10.33
C ASP A 483 -12.55 32.46 -9.69
N GLN A 484 -13.79 32.04 -9.99
CA GLN A 484 -14.98 32.64 -9.44
C GLN A 484 -15.41 31.94 -8.16
N MET A 485 -14.70 30.89 -7.74
CA MET A 485 -14.97 30.29 -6.44
C MET A 485 -14.21 31.03 -5.34
N ALA A 486 -14.77 31.14 -4.13
CA ALA A 486 -14.00 31.65 -3.00
C ALA A 486 -12.67 30.90 -2.86
N LEU A 487 -12.70 29.54 -2.95
CA LEU A 487 -11.50 28.85 -3.35
C LEU A 487 -11.78 27.55 -4.10
N PRO A 488 -10.80 27.04 -4.87
CA PRO A 488 -10.94 25.74 -5.51
C PRO A 488 -11.22 24.63 -4.52
N PRO A 489 -12.02 23.61 -4.94
CA PRO A 489 -12.26 22.44 -4.08
C PRO A 489 -10.95 21.69 -3.79
N CYS A 490 -10.78 21.28 -2.55
CA CYS A 490 -9.80 20.27 -2.16
C CYS A 490 -10.29 18.86 -2.55
N HIS A 491 -11.61 18.62 -2.53
CA HIS A 491 -12.19 17.30 -2.75
C HIS A 491 -12.65 17.22 -4.21
N ILE A 492 -11.76 16.64 -5.02
CA ILE A 492 -11.83 16.84 -6.47
C ILE A 492 -12.99 16.00 -7.01
N LEU A 493 -13.13 14.74 -6.56
CA LEU A 493 -14.16 13.85 -7.12
C LEU A 493 -14.41 12.64 -6.24
N CYS A 494 -15.61 12.09 -6.31
CA CYS A 494 -16.00 10.80 -5.80
C CYS A 494 -16.28 9.87 -6.97
N GLN A 495 -15.65 8.69 -6.96
CA GLN A 495 -16.06 7.64 -7.87
C GLN A 495 -16.72 6.55 -7.03
N PHE A 496 -17.74 5.89 -7.61
CA PHE A 496 -18.48 4.86 -6.90
C PHE A 496 -18.33 3.54 -7.62
N TYR A 497 -18.46 2.49 -6.81
CA TYR A 497 -18.29 1.10 -7.19
C TYR A 497 -19.40 0.33 -6.45
N VAL A 498 -20.12 -0.50 -7.22
CA VAL A 498 -21.14 -1.40 -6.74
C VAL A 498 -20.80 -2.86 -7.11
N PHE A 499 -20.75 -3.73 -6.10
CA PHE A 499 -20.74 -5.18 -6.31
C PHE A 499 -21.61 -5.84 -5.24
N ASP A 500 -22.47 -6.78 -5.65
CA ASP A 500 -23.14 -7.66 -4.70
C ASP A 500 -23.98 -6.83 -3.72
N GLY A 501 -24.72 -5.83 -4.23
CA GLY A 501 -25.58 -5.07 -3.37
C GLY A 501 -24.81 -4.17 -2.40
N LYS A 502 -23.50 -3.91 -2.67
CA LYS A 502 -22.66 -3.11 -1.79
C LYS A 502 -21.96 -2.01 -2.58
N LEU A 503 -21.81 -0.84 -1.90
CA LEU A 503 -21.35 0.43 -2.46
C LEU A 503 -20.07 0.85 -1.75
N SER A 504 -19.01 1.01 -2.57
CA SER A 504 -17.74 1.61 -2.21
C SER A 504 -17.55 2.96 -2.90
N CYS A 505 -16.67 3.82 -2.33
CA CYS A 505 -16.47 5.20 -2.76
C CYS A 505 -14.98 5.57 -2.72
N ILE A 506 -14.47 6.04 -3.85
CA ILE A 506 -13.16 6.67 -3.87
C ILE A 506 -13.36 8.17 -3.83
N MET A 507 -12.67 8.85 -2.90
CA MET A 507 -12.53 10.29 -2.98
C MET A 507 -11.09 10.71 -3.19
N TYR A 508 -10.85 11.56 -4.20
CA TYR A 508 -9.53 12.05 -4.52
C TYR A 508 -9.37 13.49 -3.95
N GLN A 509 -8.37 13.66 -3.09
CA GLN A 509 -8.17 14.96 -2.45
C GLN A 509 -6.86 15.53 -2.94
N ARG A 510 -6.91 16.64 -3.64
CA ARG A 510 -5.74 17.29 -4.17
C ARG A 510 -4.85 17.91 -3.08
N SER A 511 -5.44 18.33 -1.98
CA SER A 511 -4.61 18.98 -0.96
C SER A 511 -5.13 18.64 0.42
N CYS A 512 -4.24 18.10 1.27
CA CYS A 512 -4.63 17.43 2.49
C CYS A 512 -3.84 18.02 3.67
N ASP A 513 -4.55 18.75 4.53
CA ASP A 513 -4.04 19.16 5.82
C ASP A 513 -4.25 17.98 6.75
N LEU A 514 -3.15 17.24 7.03
CA LEU A 514 -3.23 16.02 7.82
C LEU A 514 -3.67 16.35 9.24
N GLY A 515 -3.11 17.42 9.82
CA GLY A 515 -3.38 17.73 11.22
C GLY A 515 -4.84 18.12 11.50
N LEU A 516 -5.46 18.89 10.60
CA LEU A 516 -6.75 19.46 10.95
C LEU A 516 -7.88 18.97 10.04
N GLY A 517 -7.60 18.92 8.73
CA GLY A 517 -8.66 18.81 7.76
C GLY A 517 -9.08 17.37 7.52
N VAL A 518 -8.07 16.49 7.36
CA VAL A 518 -8.31 15.11 7.00
C VAL A 518 -9.21 14.36 8.00
N PRO A 519 -9.06 14.47 9.35
CA PRO A 519 -9.96 13.74 10.24
C PRO A 519 -11.42 14.03 9.86
N PHE A 520 -11.73 15.33 9.63
CA PHE A 520 -13.08 15.73 9.25
C PHE A 520 -13.48 15.16 7.87
N ASN A 521 -12.55 15.17 6.91
CA ASN A 521 -12.88 14.80 5.53
C ASN A 521 -13.22 13.31 5.38
N ILE A 522 -12.56 12.45 6.15
CA ILE A 522 -12.86 11.04 6.24
C ILE A 522 -14.29 10.88 6.74
N ALA A 523 -14.63 11.62 7.81
CA ALA A 523 -15.95 11.60 8.37
C ALA A 523 -16.99 11.97 7.29
N SER A 524 -16.73 13.05 6.54
CA SER A 524 -17.69 13.64 5.64
C SER A 524 -18.04 12.64 4.54
N TYR A 525 -17.03 12.14 3.83
CA TYR A 525 -17.25 11.24 2.73
C TYR A 525 -17.67 9.85 3.20
N SER A 526 -17.38 9.48 4.45
CA SER A 526 -17.91 8.24 5.00
C SER A 526 -19.41 8.37 5.20
N ILE A 527 -19.84 9.46 5.77
CA ILE A 527 -21.27 9.70 5.92
C ILE A 527 -21.94 9.72 4.55
N PHE A 528 -21.40 10.48 3.61
CA PHE A 528 -21.98 10.58 2.29
C PHE A 528 -22.07 9.22 1.60
N THR A 529 -21.08 8.33 1.76
CA THR A 529 -21.18 6.96 1.27
C THR A 529 -22.43 6.24 1.84
N HIS A 530 -22.67 6.35 3.15
CA HIS A 530 -23.87 5.82 3.75
C HIS A 530 -25.12 6.44 3.11
N MET A 531 -25.16 7.78 3.01
CA MET A 531 -26.37 8.39 2.49
C MET A 531 -26.61 7.90 1.07
N ILE A 532 -25.58 7.85 0.22
CA ILE A 532 -25.83 7.44 -1.16
C ILE A 532 -26.20 5.95 -1.16
N ALA A 533 -25.48 5.15 -0.37
CA ALA A 533 -25.71 3.72 -0.31
C ALA A 533 -27.18 3.46 0.02
N GLN A 534 -27.66 4.16 1.06
CA GLN A 534 -28.95 3.85 1.58
C GLN A 534 -30.06 4.26 0.60
N VAL A 535 -30.00 5.50 0.09
CA VAL A 535 -31.04 5.90 -0.83
C VAL A 535 -30.95 5.11 -2.15
N CYS A 536 -29.92 4.29 -2.40
CA CYS A 536 -29.95 3.39 -3.54
C CYS A 536 -30.17 1.91 -3.15
N ASN A 537 -30.55 1.63 -1.89
CA ASN A 537 -30.77 0.27 -1.40
C ASN A 537 -29.54 -0.61 -1.53
N LEU A 538 -28.38 -0.04 -1.24
CA LEU A 538 -27.19 -0.83 -1.10
C LEU A 538 -26.73 -0.77 0.34
N GLN A 539 -25.76 -1.61 0.67
CA GLN A 539 -25.07 -1.55 1.94
C GLN A 539 -23.71 -0.91 1.68
N PRO A 540 -23.26 0.03 2.54
CA PRO A 540 -21.92 0.60 2.41
C PRO A 540 -20.85 -0.48 2.59
N ALA A 541 -19.84 -0.42 1.71
CA ALA A 541 -18.66 -1.25 1.85
C ALA A 541 -17.45 -0.38 2.22
N GLN A 542 -16.60 -0.05 1.26
CA GLN A 542 -15.35 0.60 1.61
C GLN A 542 -15.35 2.06 1.20
N PHE A 543 -14.87 2.93 2.10
CA PHE A 543 -14.56 4.31 1.72
C PHE A 543 -13.05 4.34 1.53
N ILE A 544 -12.66 4.81 0.34
CA ILE A 544 -11.26 4.87 -0.09
C ILE A 544 -10.85 6.32 -0.31
N HIS A 545 -9.82 6.78 0.40
CA HIS A 545 -9.40 8.18 0.38
C HIS A 545 -8.04 8.25 -0.30
N VAL A 546 -7.99 8.91 -1.48
CA VAL A 546 -6.72 9.04 -2.16
C VAL A 546 -6.21 10.47 -1.97
N LEU A 547 -5.03 10.59 -1.35
CA LEU A 547 -4.42 11.89 -1.01
C LEU A 547 -3.36 12.23 -2.06
N GLY A 548 -3.47 13.39 -2.67
CA GLY A 548 -2.36 13.88 -3.46
C GLY A 548 -1.28 14.61 -2.63
N ASN A 549 -1.35 15.95 -2.63
CA ASN A 549 -0.42 16.73 -1.87
C ASN A 549 -0.84 16.64 -0.42
N ALA A 550 -0.09 15.91 0.38
CA ALA A 550 -0.46 15.62 1.75
C ALA A 550 0.53 16.35 2.67
N HIS A 551 0.03 17.19 3.55
CA HIS A 551 0.99 17.98 4.32
C HIS A 551 0.61 18.09 5.77
N VAL A 552 1.66 18.20 6.60
CA VAL A 552 1.56 18.61 7.99
C VAL A 552 2.10 20.02 8.15
N TYR A 553 1.28 20.96 8.64
CA TYR A 553 1.78 22.28 9.01
C TYR A 553 2.76 22.14 10.16
N ASN A 554 3.78 23.04 10.16
CA ASN A 554 4.82 23.04 11.18
C ASN A 554 4.22 23.37 12.54
N ASN A 555 3.19 24.21 12.55
CA ASN A 555 2.61 24.68 13.79
C ASN A 555 1.72 23.57 14.37
N HIS A 556 1.62 22.41 13.68
CA HIS A 556 0.80 21.31 14.18
C HIS A 556 1.67 20.17 14.72
N ILE A 557 2.98 20.30 14.62
CA ILE A 557 3.86 19.15 14.76
C ILE A 557 3.83 18.63 16.19
N ASP A 558 3.80 19.54 17.16
CA ASP A 558 3.96 19.15 18.56
C ASP A 558 2.70 18.44 19.04
N SER A 559 1.58 18.99 18.63
CA SER A 559 0.31 18.38 18.89
C SER A 559 0.21 16.99 18.24
N LEU A 560 0.74 16.83 17.02
CA LEU A 560 0.64 15.53 16.35
C LEU A 560 1.55 14.51 17.03
N LYS A 561 2.64 15.01 17.65
CA LYS A 561 3.59 14.18 18.38
C LYS A 561 2.86 13.54 19.55
N ILE A 562 2.11 14.36 20.26
CA ILE A 562 1.29 13.87 21.36
C ILE A 562 0.30 12.82 20.87
N GLN A 563 -0.45 13.13 19.81
CA GLN A 563 -1.60 12.33 19.40
C GLN A 563 -1.12 10.97 18.89
N LEU A 564 0.05 10.97 18.22
CA LEU A 564 0.66 9.76 17.70
C LEU A 564 1.02 8.77 18.80
N ASN A 565 1.13 9.23 20.05
CA ASN A 565 1.50 8.39 21.18
C ASN A 565 0.26 8.00 21.97
N ARG A 566 -0.93 8.27 21.40
CA ARG A 566 -2.16 7.78 21.98
C ARG A 566 -2.52 6.49 21.27
N ILE A 567 -3.20 5.58 22.01
CA ILE A 567 -3.63 4.30 21.46
C ILE A 567 -5.10 4.45 21.09
N PRO A 568 -5.46 4.18 19.83
CA PRO A 568 -6.87 4.23 19.42
C PRO A 568 -7.77 3.29 20.23
N TYR A 569 -8.98 3.79 20.49
CA TYR A 569 -10.11 3.01 20.97
C TYR A 569 -10.89 2.40 19.81
N PRO A 570 -11.80 1.43 20.05
CA PRO A 570 -12.69 0.95 18.98
C PRO A 570 -13.52 2.10 18.47
N PHE A 571 -13.61 2.20 17.15
CA PHE A 571 -14.48 3.16 16.49
C PHE A 571 -15.96 3.01 16.87
N PRO A 572 -16.71 4.14 16.74
CA PRO A 572 -18.16 4.13 16.87
C PRO A 572 -18.86 3.56 15.65
N THR A 573 -20.21 3.60 15.70
CA THR A 573 -21.04 3.29 14.55
C THR A 573 -21.84 4.53 14.16
N LEU A 574 -22.33 4.56 12.90
CA LEU A 574 -23.23 5.59 12.41
C LEU A 574 -24.59 4.99 12.14
N LYS A 575 -25.67 5.56 12.68
CA LYS A 575 -27.02 5.15 12.30
C LYS A 575 -27.75 6.27 11.55
N LEU A 576 -28.39 5.87 10.45
CA LEU A 576 -29.21 6.71 9.61
C LEU A 576 -30.66 6.27 9.82
N ASN A 577 -31.53 7.27 9.96
CA ASN A 577 -32.95 7.05 9.79
C ASN A 577 -33.19 6.21 8.53
N PRO A 578 -33.76 4.99 8.65
CA PRO A 578 -34.04 4.14 7.49
C PRO A 578 -35.18 4.58 6.58
N ASP A 579 -36.05 5.46 7.07
CA ASP A 579 -37.19 5.89 6.29
C ASP A 579 -36.80 6.93 5.24
N ILE A 580 -35.56 7.47 5.31
CA ILE A 580 -35.15 8.50 4.37
C ILE A 580 -34.74 7.85 3.04
N LYS A 581 -35.54 8.05 1.99
CA LYS A 581 -35.41 7.27 0.77
C LYS A 581 -35.03 8.14 -0.42
N ASN A 582 -34.81 9.44 -0.19
CA ASN A 582 -34.28 10.28 -1.24
C ASN A 582 -33.16 11.13 -0.65
N ILE A 583 -32.09 11.34 -1.43
CA ILE A 583 -30.85 11.98 -1.02
C ILE A 583 -31.11 13.37 -0.48
N GLU A 584 -32.18 14.06 -0.90
CA GLU A 584 -32.39 15.45 -0.54
C GLU A 584 -33.25 15.60 0.72
N ASP A 585 -33.68 14.46 1.28
CA ASP A 585 -34.68 14.44 2.32
C ASP A 585 -34.07 14.23 3.68
N PHE A 586 -32.73 14.28 3.81
CA PHE A 586 -32.09 14.08 5.12
C PHE A 586 -32.01 15.39 5.90
N THR A 587 -32.22 15.30 7.21
CA THR A 587 -32.02 16.43 8.11
C THR A 587 -31.11 15.96 9.24
N ILE A 588 -30.46 16.89 9.93
CA ILE A 588 -29.46 16.60 10.93
C ILE A 588 -29.90 15.52 11.93
N SER A 589 -31.18 15.46 12.30
CA SER A 589 -31.66 14.52 13.29
C SER A 589 -31.79 13.09 12.76
N ASP A 590 -31.53 12.89 11.45
CA ASP A 590 -31.56 11.55 10.87
C ASP A 590 -30.24 10.81 11.07
N PHE A 591 -29.29 11.45 11.77
CA PHE A 591 -27.94 10.95 11.91
C PHE A 591 -27.68 10.69 13.38
N THR A 592 -27.22 9.47 13.70
CA THR A 592 -26.76 9.23 15.06
C THR A 592 -25.40 8.52 15.06
N ILE A 593 -24.46 9.07 15.84
CA ILE A 593 -23.18 8.44 16.12
C ILE A 593 -23.30 7.78 17.49
N GLN A 594 -22.91 6.51 17.58
CA GLN A 594 -23.06 5.75 18.81
C GLN A 594 -21.71 5.19 19.25
N ASN A 595 -21.51 5.23 20.57
CA ASN A 595 -20.38 4.57 21.19
C ASN A 595 -19.09 5.23 20.74
N TYR A 596 -19.10 6.54 20.53
CA TYR A 596 -17.86 7.25 20.29
C TYR A 596 -17.09 7.23 21.60
N VAL A 597 -15.96 6.51 21.61
CA VAL A 597 -15.01 6.57 22.69
C VAL A 597 -13.72 7.18 22.15
N HIS A 598 -13.16 8.17 22.85
CA HIS A 598 -12.09 8.99 22.29
C HIS A 598 -11.18 9.60 23.36
N HIS A 599 -9.93 9.85 22.98
CA HIS A 599 -9.04 10.67 23.78
C HIS A 599 -9.51 12.12 23.85
N GLU A 600 -8.78 12.89 24.65
CA GLU A 600 -9.10 14.27 24.93
C GLU A 600 -8.93 15.13 23.68
N LYS A 601 -9.69 16.24 23.68
CA LYS A 601 -9.62 17.27 22.66
C LYS A 601 -8.21 17.85 22.58
N ILE A 602 -7.86 18.30 21.37
CA ILE A 602 -6.54 18.83 21.07
C ILE A 602 -6.69 20.08 20.21
N SER A 603 -6.20 21.20 20.75
CA SER A 603 -5.77 22.34 19.96
C SER A 603 -4.54 21.95 19.15
N MET A 604 -4.69 21.86 17.83
CA MET A 604 -3.55 21.55 16.99
C MET A 604 -2.53 22.71 17.07
N ASP A 605 -3.04 23.91 17.38
CA ASP A 605 -2.26 25.13 17.43
C ASP A 605 -1.60 25.26 18.81
N GLN B 4 26.46 -32.66 -1.07
CA GLN B 4 27.24 -32.03 -2.18
C GLN B 4 28.15 -30.93 -1.63
N VAL B 5 29.26 -30.73 -2.35
CA VAL B 5 30.40 -29.95 -1.91
C VAL B 5 29.97 -28.49 -1.68
N CYS B 6 29.24 -27.92 -2.66
CA CYS B 6 28.89 -26.50 -2.66
C CYS B 6 27.89 -26.17 -1.56
N ASP B 7 27.09 -27.16 -1.14
CA ASP B 7 26.24 -27.00 0.02
C ASP B 7 27.07 -26.97 1.29
N VAL B 8 28.07 -27.85 1.38
CA VAL B 8 28.91 -27.95 2.56
C VAL B 8 29.71 -26.67 2.73
N PHE B 9 30.40 -26.27 1.67
CA PHE B 9 31.39 -25.20 1.72
C PHE B 9 30.80 -23.86 1.29
N ASP B 10 29.50 -23.81 0.99
CA ASP B 10 28.79 -22.59 0.62
C ASP B 10 29.57 -21.83 -0.44
N ILE B 11 29.76 -22.50 -1.58
CA ILE B 11 30.44 -21.91 -2.73
C ILE B 11 29.37 -21.31 -3.66
N TYR B 12 29.40 -19.97 -3.78
CA TYR B 12 28.53 -19.26 -4.69
C TYR B 12 29.41 -18.55 -5.72
N ALA B 13 28.79 -18.20 -6.85
CA ALA B 13 29.35 -17.25 -7.80
C ALA B 13 28.71 -15.88 -7.57
N ILE B 14 29.47 -14.83 -7.90
CA ILE B 14 28.93 -13.48 -8.05
C ILE B 14 29.56 -12.87 -9.30
N CYS B 15 28.72 -12.34 -10.20
CA CYS B 15 29.17 -11.83 -11.49
C CYS B 15 28.32 -10.66 -11.96
N ALA B 16 28.78 -10.04 -13.06
CA ALA B 16 28.16 -8.86 -13.66
C ALA B 16 28.29 -8.92 -15.19
N CYS B 17 27.16 -8.98 -15.89
CA CYS B 17 27.19 -9.19 -17.33
C CYS B 17 26.40 -8.12 -18.10
N CYS B 18 27.04 -7.57 -19.12
CA CYS B 18 26.45 -6.58 -20.01
C CYS B 18 25.92 -7.28 -21.27
N LYS B 19 25.36 -6.49 -22.18
CA LYS B 19 24.97 -7.01 -23.47
C LYS B 19 26.17 -6.85 -24.39
N VAL B 20 26.15 -7.66 -25.46
CA VAL B 20 27.32 -7.84 -26.32
C VAL B 20 27.00 -7.29 -27.71
N GLU B 21 27.95 -6.54 -28.24
CA GLU B 21 27.84 -5.99 -29.57
C GLU B 21 27.90 -7.15 -30.58
N SER B 22 26.96 -7.20 -31.54
CA SER B 22 27.09 -8.07 -32.70
C SER B 22 27.31 -7.26 -33.97
N ASN B 29 13.97 -9.01 -36.51
CA ASN B 29 13.87 -8.56 -35.09
C ASN B 29 15.06 -9.08 -34.28
N GLU B 30 15.09 -8.73 -32.99
CA GLU B 30 16.02 -9.33 -32.04
C GLU B 30 15.20 -10.06 -30.97
N VAL B 31 15.74 -11.21 -30.56
CA VAL B 31 15.21 -12.04 -29.48
C VAL B 31 16.01 -11.73 -28.22
N PHE B 32 15.35 -11.83 -27.06
CA PHE B 32 16.03 -11.66 -25.80
C PHE B 32 15.76 -12.86 -24.89
N ASN B 33 16.77 -13.24 -24.09
CA ASN B 33 16.63 -14.16 -22.97
C ASN B 33 17.75 -13.88 -21.96
N ASN B 34 17.85 -14.69 -20.91
CA ASN B 34 18.86 -14.45 -19.89
C ASN B 34 20.25 -14.37 -20.53
N TYR B 35 20.47 -15.14 -21.62
CA TYR B 35 21.78 -15.23 -22.25
C TYR B 35 22.21 -13.87 -22.80
N THR B 36 21.25 -12.99 -23.09
CA THR B 36 21.55 -11.66 -23.58
C THR B 36 22.59 -11.00 -22.66
N PHE B 37 22.44 -11.21 -21.35
CA PHE B 37 23.37 -10.68 -20.38
C PHE B 37 24.53 -11.67 -20.19
N ARG B 38 25.53 -11.65 -21.09
CA ARG B 38 26.63 -12.63 -21.03
C ARG B 38 28.04 -11.99 -21.06
N GLY B 39 28.21 -10.67 -20.89
CA GLY B 39 29.52 -10.08 -21.16
C GLY B 39 30.28 -9.74 -19.89
N LEU B 40 31.51 -10.27 -19.73
CA LEU B 40 32.29 -10.09 -18.50
C LEU B 40 33.47 -9.14 -18.68
N GLY B 41 34.24 -9.30 -19.78
CA GLY B 41 35.51 -8.57 -19.88
C GLY B 41 35.91 -8.22 -21.30
N ASN B 42 36.70 -7.15 -21.44
CA ASN B 42 37.32 -6.81 -22.73
C ASN B 42 38.81 -6.55 -22.51
N LYS B 43 39.67 -7.28 -23.24
CA LYS B 43 41.11 -7.03 -23.27
C LYS B 43 41.69 -7.02 -21.85
N GLY B 44 41.26 -7.99 -21.01
CA GLY B 44 41.81 -8.16 -19.67
C GLY B 44 41.28 -7.12 -18.69
N VAL B 45 40.24 -6.38 -19.10
CA VAL B 45 39.67 -5.33 -18.28
C VAL B 45 38.15 -5.48 -18.33
N LEU B 46 37.46 -4.85 -17.37
CA LEU B 46 36.01 -4.81 -17.37
C LEU B 46 35.54 -4.06 -18.61
N PRO B 47 34.47 -4.52 -19.32
CA PRO B 47 34.05 -3.93 -20.60
C PRO B 47 33.58 -2.49 -20.42
N TRP B 48 32.89 -2.26 -19.31
CA TRP B 48 32.40 -0.95 -18.95
C TRP B 48 33.48 -0.15 -18.21
N LYS B 49 33.35 1.18 -18.22
CA LYS B 49 34.03 2.01 -17.25
C LYS B 49 33.30 1.73 -15.94
N CYS B 50 33.93 1.88 -14.78
CA CYS B 50 33.40 1.36 -13.53
C CYS B 50 31.94 1.78 -13.27
N ILE B 51 31.10 0.80 -12.88
CA ILE B 51 29.71 1.04 -12.48
C ILE B 51 29.63 0.93 -10.95
N SER B 52 29.30 2.03 -10.28
CA SER B 52 29.45 2.15 -8.84
C SER B 52 28.51 1.21 -8.08
N LEU B 53 27.25 1.09 -8.52
CA LEU B 53 26.29 0.40 -7.70
C LEU B 53 26.68 -1.09 -7.60
N ASP B 54 27.18 -1.65 -8.70
CA ASP B 54 27.62 -3.04 -8.75
C ASP B 54 28.80 -3.23 -7.83
N MET B 55 29.72 -2.24 -7.82
CA MET B 55 30.91 -2.27 -6.97
C MET B 55 30.50 -2.29 -5.50
N LYS B 56 29.51 -1.46 -5.14
CA LYS B 56 29.03 -1.36 -3.78
C LYS B 56 28.24 -2.61 -3.42
N TYR B 57 27.49 -3.17 -4.39
CA TYR B 57 26.76 -4.41 -4.16
C TYR B 57 27.79 -5.52 -3.90
N PHE B 58 28.66 -5.70 -4.91
CA PHE B 58 29.73 -6.67 -4.86
C PHE B 58 30.41 -6.66 -3.49
N ARG B 59 31.00 -5.52 -3.12
CA ARG B 59 31.65 -5.37 -1.84
C ARG B 59 30.70 -5.82 -0.71
N ALA B 60 29.47 -5.30 -0.67
CA ALA B 60 28.64 -5.55 0.49
C ALA B 60 28.21 -7.02 0.55
N VAL B 61 28.00 -7.67 -0.60
CA VAL B 61 27.73 -9.10 -0.66
C VAL B 61 28.93 -9.90 -0.14
N THR B 62 30.14 -9.57 -0.62
CA THR B 62 31.28 -10.43 -0.39
C THR B 62 32.01 -10.03 0.90
N THR B 63 31.55 -9.00 1.63
CA THR B 63 32.08 -8.77 2.98
C THR B 63 31.06 -9.13 4.05
N TYR B 64 29.77 -9.28 3.70
CA TYR B 64 28.78 -9.48 4.74
C TYR B 64 28.98 -10.85 5.41
N VAL B 65 28.97 -10.83 6.75
CA VAL B 65 28.96 -12.04 7.55
C VAL B 65 28.04 -11.88 8.77
N ASN B 66 27.39 -12.98 9.18
CA ASN B 66 26.69 -13.02 10.45
C ASN B 66 27.26 -14.17 11.27
N GLU B 67 27.83 -13.82 12.44
CA GLU B 67 28.62 -14.72 13.25
C GLU B 67 27.71 -15.67 14.03
N SER B 68 26.49 -15.23 14.33
CA SER B 68 25.50 -16.09 14.97
C SER B 68 25.15 -17.33 14.14
N LYS B 69 25.48 -17.37 12.84
CA LYS B 69 25.02 -18.44 11.98
C LYS B 69 26.13 -19.45 11.71
N TYR B 70 27.34 -19.13 12.19
CA TYR B 70 28.54 -19.88 11.84
C TYR B 70 28.56 -21.26 12.51
N GLU B 71 27.97 -21.41 13.70
CA GLU B 71 28.07 -22.69 14.38
C GLU B 71 27.65 -23.78 13.39
N LYS B 72 26.43 -23.67 12.86
CA LYS B 72 25.88 -24.67 11.95
C LYS B 72 26.88 -25.01 10.84
N LEU B 73 27.48 -23.98 10.22
CA LEU B 73 28.36 -24.14 9.06
C LEU B 73 29.56 -25.01 9.42
N LYS B 74 30.36 -24.57 10.41
CA LYS B 74 31.50 -25.34 10.89
C LYS B 74 31.06 -26.75 11.29
N TYR B 75 29.93 -26.86 11.99
CA TYR B 75 29.39 -28.15 12.40
C TYR B 75 29.33 -29.09 11.20
N LYS B 76 28.52 -28.73 10.19
CA LYS B 76 28.37 -29.52 8.97
C LYS B 76 29.75 -29.84 8.36
N ARG B 77 30.53 -28.78 8.09
CA ARG B 77 31.82 -28.91 7.44
C ARG B 77 32.62 -30.04 8.09
N CYS B 78 32.75 -29.95 9.43
CA CYS B 78 33.50 -30.94 10.21
C CYS B 78 32.92 -32.34 10.04
N LYS B 79 31.63 -32.51 10.34
CA LYS B 79 30.97 -33.81 10.20
C LYS B 79 31.37 -34.48 8.88
N TYR B 80 31.47 -33.66 7.81
CA TYR B 80 31.80 -34.11 6.45
C TYR B 80 33.28 -34.48 6.35
N LEU B 81 34.18 -33.62 6.83
CA LEU B 81 35.61 -33.95 6.75
C LEU B 81 35.96 -35.04 7.76
N ASN B 82 34.94 -35.62 8.44
CA ASN B 82 35.12 -36.70 9.41
C ASN B 82 35.94 -36.15 10.59
N LYS B 83 35.59 -34.94 11.05
CA LYS B 83 36.30 -34.25 12.11
C LYS B 83 35.29 -33.70 13.13
N LYS B 97 37.94 -13.52 13.74
CA LYS B 97 37.09 -12.54 13.00
C LYS B 97 36.65 -13.17 11.67
N LEU B 98 35.38 -13.62 11.63
CA LEU B 98 34.89 -14.40 10.51
C LEU B 98 34.80 -13.49 9.30
N GLN B 99 35.32 -13.99 8.18
CA GLN B 99 35.29 -13.31 6.89
C GLN B 99 34.98 -14.36 5.84
N ASN B 100 34.79 -13.91 4.59
CA ASN B 100 34.44 -14.81 3.50
C ASN B 100 35.70 -15.10 2.68
N VAL B 101 35.57 -16.10 1.81
CA VAL B 101 36.64 -16.41 0.89
C VAL B 101 36.29 -15.82 -0.47
N VAL B 102 37.31 -15.38 -1.22
CA VAL B 102 37.10 -14.89 -2.57
C VAL B 102 38.15 -15.47 -3.51
N VAL B 103 37.71 -16.37 -4.38
CA VAL B 103 38.56 -17.03 -5.36
C VAL B 103 38.60 -16.21 -6.65
N MET B 104 39.82 -16.04 -7.19
CA MET B 104 40.03 -15.35 -8.45
C MET B 104 40.92 -16.16 -9.42
N GLY B 105 40.64 -16.06 -10.72
CA GLY B 105 41.62 -16.35 -11.74
C GLY B 105 42.75 -15.32 -11.73
N ARG B 106 43.85 -15.66 -12.42
CA ARG B 106 45.05 -14.82 -12.40
C ARG B 106 44.76 -13.52 -13.14
N THR B 107 44.23 -13.64 -14.36
CA THR B 107 43.80 -12.49 -15.13
C THR B 107 42.88 -11.64 -14.26
N ASN B 108 41.91 -12.32 -13.62
CA ASN B 108 40.98 -11.64 -12.74
C ASN B 108 41.79 -10.85 -11.70
N TRP B 109 42.70 -11.52 -11.01
CA TRP B 109 43.45 -10.92 -9.92
C TRP B 109 44.29 -9.72 -10.36
N GLU B 110 44.85 -9.76 -11.58
CA GLU B 110 45.74 -8.71 -12.06
C GLU B 110 44.94 -7.51 -12.61
N SER B 111 43.81 -7.79 -13.26
CA SER B 111 42.91 -6.76 -13.77
C SER B 111 42.50 -5.78 -12.66
N ILE B 112 42.49 -6.25 -11.41
CA ILE B 112 42.17 -5.39 -10.28
C ILE B 112 43.34 -4.42 -10.12
N PRO B 113 43.08 -3.10 -9.97
CA PRO B 113 44.14 -2.15 -9.59
C PRO B 113 44.66 -2.47 -8.19
N LYS B 114 45.91 -2.04 -7.94
CA LYS B 114 46.66 -2.37 -6.72
C LYS B 114 45.98 -1.85 -5.46
N LYS B 115 45.44 -0.62 -5.51
CA LYS B 115 44.83 0.01 -4.35
C LYS B 115 43.67 -0.85 -3.83
N PHE B 116 43.19 -1.77 -4.67
CA PHE B 116 42.09 -2.67 -4.34
C PHE B 116 42.60 -4.07 -4.02
N LYS B 117 43.86 -4.37 -4.36
CA LYS B 117 44.51 -5.60 -3.93
C LYS B 117 45.30 -5.33 -2.64
N PRO B 118 45.28 -6.23 -1.64
CA PRO B 118 44.39 -7.40 -1.64
C PRO B 118 43.02 -6.93 -1.17
N LEU B 119 41.95 -7.51 -1.75
CA LEU B 119 40.58 -7.11 -1.48
C LEU B 119 40.35 -7.05 0.02
N SER B 120 40.19 -5.83 0.55
CA SER B 120 40.15 -5.62 2.00
C SER B 120 39.14 -6.56 2.63
N ASN B 121 39.41 -6.96 3.87
CA ASN B 121 38.40 -7.52 4.76
C ASN B 121 37.94 -8.90 4.28
N ARG B 122 38.62 -9.49 3.29
CA ARG B 122 38.26 -10.78 2.71
C ARG B 122 39.50 -11.65 2.48
N ILE B 123 39.33 -12.97 2.57
CA ILE B 123 40.44 -13.91 2.42
C ILE B 123 40.66 -14.22 0.95
N ASN B 124 41.73 -13.61 0.38
CA ASN B 124 41.97 -13.60 -1.05
C ASN B 124 42.74 -14.84 -1.51
N VAL B 125 42.12 -15.62 -2.40
CA VAL B 125 42.71 -16.83 -2.95
C VAL B 125 42.86 -16.65 -4.46
N ILE B 126 43.95 -17.18 -5.04
CA ILE B 126 44.20 -17.06 -6.47
C ILE B 126 44.47 -18.44 -7.08
N LEU B 127 43.60 -18.88 -7.98
CA LEU B 127 43.83 -20.07 -8.79
C LEU B 127 44.80 -19.72 -9.93
N SER B 128 45.93 -20.43 -10.02
CA SER B 128 46.96 -20.21 -11.03
C SER B 128 47.84 -21.45 -11.14
N ARG B 129 48.34 -21.74 -12.35
CA ARG B 129 49.25 -22.85 -12.58
C ARG B 129 50.67 -22.33 -12.85
N THR B 130 50.90 -21.03 -12.65
CA THR B 130 52.16 -20.41 -13.01
C THR B 130 52.68 -19.53 -11.88
N LEU B 131 51.76 -18.99 -11.06
CA LEU B 131 52.10 -18.09 -9.97
C LEU B 131 52.80 -18.87 -8.86
N LYS B 132 53.59 -18.15 -8.04
CA LYS B 132 54.41 -18.78 -7.00
C LYS B 132 54.00 -18.25 -5.62
N LYS B 133 53.83 -19.17 -4.66
CA LYS B 133 53.48 -18.80 -3.30
C LYS B 133 54.65 -18.01 -2.66
N ASP B 139 49.24 -15.16 3.92
CA ASP B 139 47.94 -14.46 4.11
C ASP B 139 47.07 -14.54 2.86
N VAL B 140 47.71 -14.33 1.69
CA VAL B 140 47.05 -14.43 0.41
C VAL B 140 47.46 -15.78 -0.20
N TYR B 141 46.52 -16.71 -0.27
CA TYR B 141 46.78 -18.10 -0.61
C TYR B 141 46.86 -18.22 -2.13
N ILE B 142 47.61 -19.22 -2.59
CA ILE B 142 47.64 -19.60 -4.00
C ILE B 142 47.24 -21.08 -4.05
N ILE B 143 46.43 -21.45 -5.04
CA ILE B 143 46.01 -22.83 -5.22
C ILE B 143 46.24 -23.21 -6.69
N ASN B 144 46.62 -24.46 -6.91
CA ASN B 144 47.22 -24.90 -8.16
C ASN B 144 46.17 -25.57 -9.05
N LYS B 145 45.12 -26.12 -8.41
CA LYS B 145 43.99 -26.74 -9.09
C LYS B 145 42.78 -26.64 -8.18
N VAL B 146 41.61 -27.02 -8.72
CA VAL B 146 40.35 -26.74 -8.06
C VAL B 146 40.24 -27.52 -6.76
N GLU B 147 40.63 -28.81 -6.79
CA GLU B 147 40.38 -29.66 -5.64
C GLU B 147 41.09 -29.10 -4.40
N ASP B 148 42.17 -28.32 -4.61
CA ASP B 148 43.00 -27.78 -3.54
C ASP B 148 42.38 -26.52 -2.93
N LEU B 149 41.23 -26.08 -3.47
CA LEU B 149 40.38 -25.14 -2.78
C LEU B 149 39.61 -25.84 -1.67
N ILE B 150 39.02 -27.00 -1.99
CA ILE B 150 38.11 -27.67 -1.06
C ILE B 150 38.90 -28.12 0.17
N VAL B 151 40.19 -28.42 -0.07
CA VAL B 151 41.13 -28.75 1.00
C VAL B 151 41.31 -27.48 1.84
N LEU B 152 41.68 -26.37 1.17
CA LEU B 152 41.92 -25.10 1.85
C LEU B 152 40.68 -24.66 2.62
N LEU B 153 39.49 -24.98 2.10
CA LEU B 153 38.26 -24.59 2.77
C LEU B 153 38.09 -25.42 4.03
N GLY B 154 38.40 -26.74 3.90
CA GLY B 154 38.34 -27.66 5.03
C GLY B 154 39.27 -27.26 6.18
N LYS B 155 40.26 -26.40 5.91
CA LYS B 155 41.22 -25.98 6.92
C LYS B 155 40.83 -24.64 7.55
N LEU B 156 40.03 -23.84 6.84
CA LEU B 156 39.82 -22.45 7.22
C LEU B 156 38.51 -22.30 7.98
N ASN B 157 38.48 -21.21 8.75
CA ASN B 157 37.27 -20.54 9.21
C ASN B 157 36.88 -19.47 8.21
N TYR B 158 35.63 -19.53 7.73
CA TYR B 158 35.08 -18.54 6.82
C TYR B 158 33.56 -18.69 6.81
N TYR B 159 32.86 -17.61 6.45
CA TYR B 159 31.41 -17.65 6.35
C TYR B 159 30.97 -18.37 5.07
N LYS B 160 31.22 -17.73 3.91
CA LYS B 160 30.85 -18.27 2.62
C LYS B 160 32.01 -18.06 1.65
N CYS B 161 31.95 -18.73 0.49
CA CYS B 161 33.05 -18.72 -0.48
C CYS B 161 32.55 -18.22 -1.84
N PHE B 162 33.09 -17.07 -2.29
CA PHE B 162 32.60 -16.44 -3.50
C PHE B 162 33.61 -16.61 -4.63
N ILE B 163 33.14 -17.23 -5.74
CA ILE B 163 33.85 -17.25 -7.00
C ILE B 163 33.62 -15.94 -7.76
N LEU B 164 34.70 -15.18 -8.01
CA LEU B 164 34.63 -13.85 -8.61
C LEU B 164 34.97 -13.87 -10.10
N GLY B 165 35.17 -15.06 -10.70
CA GLY B 165 35.61 -15.19 -12.07
C GLY B 165 37.13 -15.20 -12.19
N GLY B 166 37.68 -15.12 -13.41
CA GLY B 166 36.95 -14.76 -14.61
C GLY B 166 36.30 -15.95 -15.31
N SER B 167 36.26 -15.86 -16.65
CA SER B 167 35.45 -16.75 -17.46
C SER B 167 35.88 -18.20 -17.26
N VAL B 168 37.21 -18.41 -17.25
CA VAL B 168 37.78 -19.74 -17.11
C VAL B 168 37.28 -20.35 -15.81
N VAL B 169 37.44 -19.57 -14.72
CA VAL B 169 37.05 -19.98 -13.39
C VAL B 169 35.57 -20.37 -13.36
N TYR B 170 34.70 -19.46 -13.85
CA TYR B 170 33.27 -19.71 -13.90
C TYR B 170 32.99 -21.04 -14.60
N GLN B 171 33.55 -21.19 -15.80
CA GLN B 171 33.32 -22.35 -16.66
C GLN B 171 33.46 -23.64 -15.84
N GLU B 172 34.66 -23.84 -15.29
CA GLU B 172 35.06 -25.11 -14.68
C GLU B 172 34.36 -25.29 -13.32
N PHE B 173 34.22 -24.21 -12.56
CA PHE B 173 33.43 -24.27 -11.34
C PHE B 173 31.99 -24.66 -11.68
N LEU B 174 31.49 -24.24 -12.83
CA LEU B 174 30.09 -24.48 -13.16
C LEU B 174 29.89 -25.88 -13.73
N GLU B 175 30.75 -26.29 -14.67
CA GLU B 175 30.58 -27.57 -15.35
C GLU B 175 30.69 -28.72 -14.33
N LYS B 176 31.37 -28.47 -13.20
CA LYS B 176 31.53 -29.45 -12.14
C LYS B 176 30.70 -29.10 -10.91
N LYS B 177 29.44 -28.65 -11.12
CA LYS B 177 28.41 -28.57 -10.09
C LYS B 177 28.91 -28.06 -8.72
N LEU B 178 29.83 -27.09 -8.73
CA LEU B 178 30.43 -26.56 -7.51
C LEU B 178 29.83 -25.21 -7.09
N ILE B 179 28.64 -24.86 -7.60
CA ILE B 179 28.08 -23.54 -7.38
C ILE B 179 26.67 -23.67 -6.83
N LYS B 180 26.39 -22.96 -5.72
CA LYS B 180 25.13 -23.10 -5.01
C LYS B 180 24.14 -22.01 -5.43
N LYS B 181 24.63 -20.78 -5.60
CA LYS B 181 23.83 -19.70 -6.15
C LYS B 181 24.74 -18.82 -7.00
N ILE B 182 24.13 -18.17 -8.00
CA ILE B 182 24.79 -17.13 -8.78
C ILE B 182 24.10 -15.80 -8.45
N TYR B 183 24.89 -14.82 -8.00
CA TYR B 183 24.43 -13.46 -7.80
C TYR B 183 24.80 -12.70 -9.06
N PHE B 184 23.80 -12.46 -9.90
CA PHE B 184 23.98 -12.02 -11.26
C PHE B 184 23.51 -10.57 -11.37
N THR B 185 24.47 -9.66 -11.62
CA THR B 185 24.15 -8.28 -11.92
C THR B 185 23.90 -8.20 -13.42
N ARG B 186 22.71 -7.72 -13.80
CA ARG B 186 22.36 -7.51 -15.20
C ARG B 186 22.54 -6.03 -15.55
N ILE B 187 23.62 -5.75 -16.31
CA ILE B 187 24.01 -4.42 -16.75
C ILE B 187 23.31 -4.17 -18.08
N ASN B 188 22.39 -3.21 -18.09
CA ASN B 188 21.53 -3.07 -19.26
C ASN B 188 22.10 -2.04 -20.24
N SER B 189 23.19 -2.46 -20.90
CA SER B 189 23.78 -1.70 -21.99
C SER B 189 24.78 -2.58 -22.75
N THR B 190 25.13 -2.16 -23.97
CA THR B 190 25.98 -2.97 -24.82
C THR B 190 27.42 -2.46 -24.77
N TYR B 191 28.39 -3.36 -24.63
CA TYR B 191 29.80 -2.98 -24.69
C TYR B 191 30.58 -3.97 -25.55
N GLU B 192 31.81 -3.55 -25.91
CA GLU B 192 32.74 -4.42 -26.61
C GLU B 192 33.35 -5.38 -25.62
N CYS B 193 33.29 -6.70 -25.96
CA CYS B 193 33.69 -7.80 -25.09
C CYS B 193 34.45 -8.90 -25.87
N ASP B 194 35.45 -9.52 -25.24
CA ASP B 194 36.12 -10.69 -25.80
C ASP B 194 35.89 -11.95 -24.96
N VAL B 195 35.31 -11.82 -23.75
CA VAL B 195 35.12 -12.98 -22.89
C VAL B 195 33.72 -12.96 -22.29
N PHE B 196 33.13 -14.16 -22.15
CA PHE B 196 31.71 -14.30 -21.83
C PHE B 196 31.54 -15.13 -20.56
N PHE B 197 30.38 -14.96 -19.91
CA PHE B 197 29.89 -15.87 -18.90
C PHE B 197 29.41 -17.12 -19.63
N PRO B 198 29.51 -18.31 -19.01
CA PRO B 198 28.87 -19.49 -19.60
C PRO B 198 27.38 -19.24 -19.75
N GLU B 199 26.76 -19.94 -20.68
CA GLU B 199 25.32 -20.08 -20.65
C GLU B 199 24.98 -20.76 -19.32
N ILE B 200 23.86 -20.37 -18.72
CA ILE B 200 23.37 -21.00 -17.51
C ILE B 200 22.16 -21.84 -17.87
N ASN B 201 22.18 -23.10 -17.46
CA ASN B 201 21.19 -24.07 -17.89
C ASN B 201 19.96 -23.92 -17.00
N GLU B 202 18.81 -23.66 -17.63
CA GLU B 202 17.55 -23.46 -16.92
C GLU B 202 17.05 -24.78 -16.33
N ASN B 203 17.71 -25.91 -16.66
CA ASN B 203 17.45 -27.17 -15.98
C ASN B 203 18.22 -27.22 -14.67
N GLU B 204 19.47 -26.72 -14.69
CA GLU B 204 20.31 -26.68 -13.50
C GLU B 204 19.86 -25.58 -12.56
N TYR B 205 19.76 -24.34 -13.07
CA TYR B 205 19.50 -23.17 -12.23
C TYR B 205 18.17 -22.51 -12.61
N GLN B 206 17.61 -21.76 -11.66
CA GLN B 206 16.44 -20.93 -11.90
C GLN B 206 16.44 -19.75 -10.91
N ILE B 207 15.83 -18.65 -11.35
CA ILE B 207 15.89 -17.39 -10.66
C ILE B 207 14.96 -17.49 -9.45
N ILE B 208 15.44 -17.09 -8.27
CA ILE B 208 14.59 -17.04 -7.09
C ILE B 208 14.20 -15.61 -6.74
N SER B 209 15.05 -14.63 -7.09
CA SER B 209 14.86 -13.25 -6.64
C SER B 209 15.35 -12.26 -7.68
N VAL B 210 14.69 -11.09 -7.69
CA VAL B 210 14.99 -10.00 -8.58
C VAL B 210 14.83 -8.71 -7.80
N SER B 211 15.80 -7.82 -7.94
CA SER B 211 15.86 -6.59 -7.16
C SER B 211 15.04 -5.49 -7.81
N ASP B 212 15.04 -4.32 -7.17
CA ASP B 212 14.63 -3.07 -7.78
C ASP B 212 15.48 -2.81 -9.05
N VAL B 213 15.07 -1.85 -9.90
CA VAL B 213 15.90 -1.39 -10.99
C VAL B 213 16.51 -0.06 -10.59
N TYR B 214 17.75 0.18 -11.02
CA TYR B 214 18.50 1.35 -10.65
C TYR B 214 19.20 1.89 -11.89
N THR B 215 19.64 3.15 -11.80
CA THR B 215 20.49 3.74 -12.81
C THR B 215 21.85 4.03 -12.19
N SER B 216 22.96 3.60 -12.84
CA SER B 216 24.29 4.03 -12.45
C SER B 216 25.16 4.18 -13.68
N ASN B 217 25.95 5.26 -13.73
CA ASN B 217 26.94 5.48 -14.78
C ASN B 217 26.29 5.28 -16.15
N ASN B 218 25.08 5.85 -16.31
CA ASN B 218 24.46 6.04 -17.60
C ASN B 218 23.84 4.74 -18.11
N THR B 219 23.59 3.78 -17.21
CA THR B 219 22.97 2.52 -17.58
C THR B 219 21.97 2.13 -16.48
N THR B 220 20.89 1.45 -16.88
CA THR B 220 20.06 0.79 -15.89
C THR B 220 20.70 -0.56 -15.59
N LEU B 221 20.45 -1.05 -14.37
CA LEU B 221 20.93 -2.36 -13.95
C LEU B 221 20.01 -2.94 -12.87
N ASP B 222 20.00 -4.26 -12.76
CA ASP B 222 19.29 -4.96 -11.72
C ASP B 222 20.14 -6.14 -11.25
N PHE B 223 19.72 -6.74 -10.11
CA PHE B 223 20.44 -7.82 -9.45
C PHE B 223 19.49 -9.00 -9.33
N ILE B 224 19.88 -10.15 -9.88
CA ILE B 224 19.05 -11.33 -9.74
C ILE B 224 19.87 -12.42 -9.05
N ILE B 225 19.12 -13.40 -8.53
CA ILE B 225 19.75 -14.51 -7.81
C ILE B 225 19.33 -15.81 -8.46
N TYR B 226 20.31 -16.58 -8.98
CA TYR B 226 20.04 -17.94 -9.40
C TYR B 226 20.25 -18.88 -8.21
N LYS B 227 19.32 -19.85 -8.05
CA LYS B 227 19.48 -20.98 -7.13
C LYS B 227 19.50 -22.30 -7.90
N LYS B 228 20.44 -23.19 -7.53
CA LYS B 228 20.50 -24.55 -8.05
C LYS B 228 19.21 -25.28 -7.64
N THR B 229 18.69 -26.13 -8.53
CA THR B 229 17.42 -26.82 -8.31
C THR B 229 17.66 -28.22 -7.75
N ASP B 283 11.98 -13.81 20.38
CA ASP B 283 10.62 -13.40 20.80
C ASP B 283 9.63 -13.90 19.75
N ASP B 284 9.22 -15.18 19.93
CA ASP B 284 8.13 -15.82 19.21
C ASP B 284 6.88 -15.87 20.10
N GLU B 285 6.89 -15.00 21.14
CA GLU B 285 5.68 -14.58 21.83
C GLU B 285 4.80 -13.81 20.85
N GLU B 286 5.47 -12.97 20.05
CA GLU B 286 4.84 -12.13 19.03
C GLU B 286 4.52 -12.97 17.80
N GLU B 287 5.19 -14.12 17.67
CA GLU B 287 4.87 -15.05 16.61
C GLU B 287 3.51 -15.66 16.87
N ASP B 288 3.14 -15.92 18.14
CA ASP B 288 1.80 -16.46 18.38
C ASP B 288 0.78 -15.33 18.20
N ASP B 289 1.14 -14.13 18.65
CA ASP B 289 0.22 -13.00 18.56
C ASP B 289 -0.20 -12.74 17.12
N PHE B 290 0.74 -12.86 16.17
CA PHE B 290 0.40 -12.72 14.77
C PHE B 290 -0.70 -13.69 14.32
N VAL B 291 -0.65 -14.94 14.79
CA VAL B 291 -1.63 -15.95 14.42
C VAL B 291 -3.01 -15.58 14.94
N TYR B 292 -3.05 -15.11 16.19
CA TYR B 292 -4.28 -14.74 16.85
C TYR B 292 -4.98 -13.64 16.05
N PHE B 293 -4.22 -12.59 15.68
CA PHE B 293 -4.74 -11.47 14.93
C PHE B 293 -5.17 -11.94 13.54
N ASN B 294 -4.74 -13.13 13.09
CA ASN B 294 -5.25 -13.69 11.84
C ASN B 294 -6.43 -14.64 12.02
N PHE B 295 -7.05 -14.70 13.20
CA PHE B 295 -8.06 -15.71 13.47
C PHE B 295 -9.30 -15.56 12.59
N ASN B 296 -9.47 -14.47 11.81
CA ASN B 296 -10.70 -14.30 11.04
C ASN B 296 -10.47 -14.43 9.53
N LYS B 297 -9.23 -14.22 9.07
CA LYS B 297 -8.90 -14.33 7.66
C LYS B 297 -9.33 -15.71 7.12
N GLU B 298 -10.22 -15.72 6.12
CA GLU B 298 -10.60 -16.96 5.45
C GLU B 298 -9.35 -17.52 4.73
N LYS B 304 -14.05 -18.19 -5.29
CA LYS B 304 -13.62 -16.88 -5.85
C LYS B 304 -12.45 -17.14 -6.80
N ASN B 305 -11.43 -17.78 -6.24
CA ASN B 305 -10.36 -18.37 -7.00
C ASN B 305 -10.93 -19.51 -7.86
N SER B 306 -11.12 -19.25 -9.16
CA SER B 306 -11.36 -20.30 -10.14
C SER B 306 -10.07 -20.58 -10.92
N ILE B 307 -8.97 -20.02 -10.42
CA ILE B 307 -7.63 -20.13 -10.98
C ILE B 307 -6.86 -21.11 -10.09
N HIS B 308 -5.68 -21.58 -10.52
CA HIS B 308 -5.00 -22.68 -9.83
C HIS B 308 -3.64 -22.24 -9.31
N PRO B 309 -3.04 -23.00 -8.36
CA PRO B 309 -1.68 -22.72 -7.89
C PRO B 309 -0.66 -22.91 -9.01
N ASN B 310 -0.56 -24.15 -9.50
CA ASN B 310 0.45 -24.55 -10.45
C ASN B 310 0.41 -23.68 -11.70
N ASP B 311 -0.73 -23.02 -11.92
CA ASP B 311 -0.82 -22.00 -12.96
C ASP B 311 0.26 -20.94 -12.77
N PHE B 312 0.61 -20.59 -11.53
CA PHE B 312 1.60 -19.55 -11.31
C PHE B 312 2.82 -20.09 -10.58
N GLN B 313 3.35 -21.23 -11.06
CA GLN B 313 4.46 -21.89 -10.39
C GLN B 313 5.61 -20.91 -10.22
N ILE B 314 6.00 -20.27 -11.32
CA ILE B 314 7.23 -19.48 -11.37
C ILE B 314 7.04 -18.21 -10.54
N TYR B 315 5.87 -17.57 -10.69
CA TYR B 315 5.49 -16.36 -9.98
C TYR B 315 5.52 -16.58 -8.47
N ASN B 316 5.06 -17.77 -8.06
CA ASN B 316 4.79 -18.05 -6.66
C ASN B 316 6.06 -18.56 -5.97
N SER B 317 7.00 -19.06 -6.75
CA SER B 317 8.23 -19.64 -6.26
C SER B 317 9.34 -18.59 -6.13
N LEU B 318 9.07 -17.34 -6.51
CA LEU B 318 10.03 -16.27 -6.29
C LEU B 318 9.91 -15.84 -4.84
N LYS B 319 11.05 -15.42 -4.26
CA LYS B 319 11.10 -15.00 -2.87
C LYS B 319 11.01 -13.48 -2.82
N TYR B 320 12.02 -12.80 -3.37
CA TYR B 320 12.00 -11.35 -3.45
C TYR B 320 11.57 -10.94 -4.85
N LYS B 321 10.49 -10.14 -4.90
CA LYS B 321 9.94 -9.61 -6.13
C LYS B 321 9.93 -8.09 -6.04
N TYR B 322 11.11 -7.47 -6.19
CA TYR B 322 11.25 -6.04 -5.95
C TYR B 322 11.28 -5.25 -7.25
N HIS B 323 11.43 -5.92 -8.39
CA HIS B 323 11.33 -5.26 -9.67
C HIS B 323 10.00 -4.51 -9.70
N PRO B 324 10.01 -3.22 -10.11
CA PRO B 324 8.78 -2.41 -10.12
C PRO B 324 7.78 -2.91 -11.16
N GLU B 325 8.23 -3.68 -12.16
CA GLU B 325 7.24 -4.36 -12.98
C GLU B 325 6.29 -5.17 -12.10
N TYR B 326 6.66 -5.48 -10.83
CA TYR B 326 5.82 -6.32 -9.98
C TYR B 326 4.70 -5.49 -9.38
N GLN B 327 4.72 -4.17 -9.56
CA GLN B 327 3.54 -3.43 -9.17
C GLN B 327 2.34 -3.79 -10.06
N TYR B 328 2.56 -3.80 -11.38
CA TYR B 328 1.54 -4.15 -12.36
C TYR B 328 1.07 -5.58 -12.09
N LEU B 329 2.02 -6.52 -12.04
CA LEU B 329 1.74 -7.96 -12.11
C LEU B 329 1.07 -8.42 -10.82
N ASN B 330 1.48 -7.85 -9.66
CA ASN B 330 0.83 -8.17 -8.39
C ASN B 330 -0.63 -7.74 -8.42
N ILE B 331 -0.89 -6.58 -9.04
CA ILE B 331 -2.28 -6.12 -9.16
C ILE B 331 -3.10 -7.12 -9.99
N ILE B 332 -2.54 -7.66 -11.07
CA ILE B 332 -3.24 -8.65 -11.88
C ILE B 332 -3.50 -9.89 -11.04
N TYR B 333 -2.45 -10.39 -10.38
CA TYR B 333 -2.53 -11.54 -9.50
C TYR B 333 -3.72 -11.33 -8.56
N ASP B 334 -3.74 -10.16 -7.93
CA ASP B 334 -4.74 -9.86 -6.94
C ASP B 334 -6.13 -9.80 -7.55
N ILE B 335 -6.27 -9.23 -8.73
CA ILE B 335 -7.57 -9.24 -9.36
C ILE B 335 -7.92 -10.68 -9.73
N MET B 336 -6.98 -11.43 -10.32
CA MET B 336 -7.33 -12.80 -10.70
C MET B 336 -7.69 -13.64 -9.47
N MET B 337 -7.08 -13.36 -8.32
CA MET B 337 -7.35 -14.17 -7.13
C MET B 337 -8.64 -13.75 -6.43
N ASN B 338 -8.84 -12.43 -6.25
CA ASN B 338 -9.88 -11.93 -5.37
C ASN B 338 -10.92 -11.09 -6.09
N GLY B 339 -10.80 -10.95 -7.40
CA GLY B 339 -11.67 -10.06 -8.14
C GLY B 339 -13.15 -10.42 -8.03
N ASN B 340 -13.98 -9.40 -8.27
CA ASN B 340 -15.39 -9.62 -8.28
C ASN B 340 -15.77 -9.93 -9.71
N LYS B 341 -16.48 -11.05 -9.91
CA LYS B 341 -17.13 -11.37 -11.16
C LYS B 341 -18.26 -10.38 -11.41
N GLN B 342 -18.16 -9.70 -12.55
CA GLN B 342 -19.06 -8.63 -12.96
C GLN B 342 -19.06 -8.65 -14.48
N SER B 343 -20.20 -8.36 -15.12
CA SER B 343 -20.26 -8.42 -16.57
C SER B 343 -20.47 -7.01 -17.13
N ASP B 344 -19.78 -6.71 -18.23
CA ASP B 344 -19.72 -5.37 -18.81
C ASP B 344 -20.73 -5.32 -19.95
N ARG B 345 -20.76 -4.21 -20.70
CA ARG B 345 -21.78 -4.00 -21.71
C ARG B 345 -21.67 -5.08 -22.81
N THR B 346 -20.44 -5.44 -23.20
CA THR B 346 -20.19 -6.32 -24.34
C THR B 346 -20.51 -7.79 -24.03
N GLY B 347 -20.87 -8.10 -22.78
CA GLY B 347 -21.12 -9.49 -22.37
C GLY B 347 -19.83 -10.29 -22.25
N VAL B 348 -18.68 -9.59 -22.28
CA VAL B 348 -17.40 -10.28 -22.22
C VAL B 348 -17.26 -10.88 -20.82
N GLY B 349 -17.46 -10.05 -19.78
CA GLY B 349 -17.17 -10.45 -18.41
C GLY B 349 -15.76 -10.02 -17.98
N VAL B 350 -15.64 -9.57 -16.70
CA VAL B 350 -14.39 -9.14 -16.10
C VAL B 350 -14.34 -9.62 -14.65
N LEU B 351 -13.14 -9.58 -14.11
CA LEU B 351 -12.88 -9.58 -12.69
C LEU B 351 -12.41 -8.18 -12.35
N SER B 352 -13.07 -7.53 -11.41
CA SER B 352 -12.76 -6.15 -11.12
C SER B 352 -12.49 -5.96 -9.63
N LYS B 353 -11.67 -4.98 -9.28
CA LYS B 353 -11.51 -4.55 -7.91
C LYS B 353 -11.45 -3.02 -7.95
N PHE B 354 -11.32 -2.34 -6.79
CA PHE B 354 -11.47 -0.91 -6.71
C PHE B 354 -10.40 -0.30 -5.83
N GLY B 355 -9.54 0.55 -6.40
CA GLY B 355 -8.60 1.36 -5.62
C GLY B 355 -7.19 0.75 -5.53
N TYR B 356 -6.29 1.16 -6.39
CA TYR B 356 -4.92 0.70 -6.36
C TYR B 356 -4.04 1.92 -6.59
N ILE B 357 -2.81 1.85 -6.11
CA ILE B 357 -1.79 2.81 -6.48
C ILE B 357 -0.57 2.03 -7.01
N MET B 358 0.04 2.51 -8.10
CA MET B 358 1.42 2.16 -8.45
C MET B 358 2.27 3.46 -8.43
N LYS B 359 3.57 3.29 -8.21
CA LYS B 359 4.49 4.41 -8.20
C LYS B 359 5.76 3.94 -8.90
N PHE B 360 6.20 4.67 -9.93
CA PHE B 360 7.36 4.32 -10.71
C PHE B 360 8.36 5.46 -10.59
N ASP B 361 9.63 5.13 -10.31
CA ASP B 361 10.67 6.13 -10.18
C ASP B 361 11.29 6.40 -11.54
N LEU B 362 10.94 7.56 -12.10
CA LEU B 362 11.38 7.93 -13.43
C LEU B 362 12.84 8.38 -13.42
N SER B 363 13.41 8.67 -12.24
CA SER B 363 14.82 9.02 -12.14
C SER B 363 15.70 7.81 -12.38
N GLN B 364 15.18 6.60 -12.13
CA GLN B 364 15.99 5.40 -12.22
C GLN B 364 15.69 4.57 -13.46
N TYR B 365 14.52 4.76 -14.10
CA TYR B 365 14.18 3.97 -15.28
C TYR B 365 12.94 4.51 -15.97
N PHE B 366 12.64 3.86 -17.10
CA PHE B 366 11.46 4.11 -17.89
C PHE B 366 10.60 2.87 -17.83
N PRO B 367 9.44 2.91 -17.15
CA PRO B 367 8.72 1.68 -16.85
C PRO B 367 7.96 1.09 -18.04
N LEU B 368 8.69 0.66 -19.06
CA LEU B 368 8.02 0.03 -20.18
C LEU B 368 8.03 -1.47 -19.90
N LEU B 369 6.85 -2.03 -19.66
CA LEU B 369 6.74 -3.44 -19.30
C LEU B 369 7.65 -4.26 -20.19
N THR B 370 8.37 -5.23 -19.56
CA THR B 370 9.32 -6.06 -20.23
C THR B 370 8.78 -7.50 -20.34
N THR B 371 7.72 -7.84 -19.60
CA THR B 371 7.27 -9.20 -19.66
C THR B 371 6.41 -9.39 -20.91
N LYS B 372 6.45 -8.42 -21.82
CA LYS B 372 5.85 -8.54 -23.15
C LYS B 372 6.26 -7.34 -23.98
N LYS B 373 6.05 -7.43 -25.30
CA LYS B 373 6.52 -6.39 -26.20
C LYS B 373 5.48 -5.27 -26.26
N LEU B 374 5.93 -4.03 -26.04
CA LEU B 374 5.09 -2.89 -26.30
C LEU B 374 5.76 -1.99 -27.32
N PHE B 375 4.92 -1.34 -28.13
CA PHE B 375 5.35 -0.33 -29.09
C PHE B 375 4.87 1.03 -28.61
N LEU B 376 5.57 2.13 -28.98
CA LEU B 376 5.26 3.43 -28.40
C LEU B 376 4.90 4.51 -29.43
N ARG B 377 4.99 4.26 -30.75
CA ARG B 377 4.88 5.38 -31.68
C ARG B 377 3.46 5.95 -31.57
N GLY B 378 2.46 5.07 -31.55
CA GLY B 378 1.09 5.51 -31.53
C GLY B 378 0.83 6.33 -30.28
N ILE B 379 1.23 5.77 -29.15
CA ILE B 379 0.93 6.49 -27.92
C ILE B 379 1.70 7.81 -27.87
N ILE B 380 2.84 7.98 -28.54
CA ILE B 380 3.48 9.29 -28.53
C ILE B 380 2.68 10.26 -29.41
N GLU B 381 2.28 9.78 -30.60
CA GLU B 381 1.47 10.57 -31.54
C GLU B 381 0.17 11.05 -30.91
N GLU B 382 -0.54 10.20 -30.16
CA GLU B 382 -1.73 10.57 -29.38
C GLU B 382 -1.41 11.68 -28.38
N LEU B 383 -0.24 11.61 -27.74
CA LEU B 383 0.17 12.60 -26.78
C LEU B 383 0.44 13.89 -27.54
N LEU B 384 1.03 13.81 -28.74
CA LEU B 384 1.27 15.04 -29.50
C LEU B 384 -0.04 15.63 -30.03
N TRP B 385 -0.97 14.78 -30.47
CA TRP B 385 -2.30 15.20 -30.89
C TRP B 385 -3.01 15.94 -29.76
N PHE B 386 -3.13 15.35 -28.57
CA PHE B 386 -3.61 16.03 -27.36
C PHE B 386 -3.07 17.46 -27.18
N ILE B 387 -1.77 17.64 -27.31
CA ILE B 387 -1.10 18.88 -26.95
C ILE B 387 -1.47 19.93 -27.98
N ARG B 388 -1.56 19.52 -29.24
CA ARG B 388 -2.05 20.40 -30.27
C ARG B 388 -3.53 20.74 -30.05
N GLY B 389 -4.27 19.96 -29.25
CA GLY B 389 -5.61 20.39 -28.86
C GLY B 389 -6.70 19.85 -29.79
N GLU B 390 -6.28 18.92 -30.63
CA GLU B 390 -7.02 18.41 -31.75
C GLU B 390 -8.06 17.41 -31.27
N THR B 391 -9.19 17.39 -32.02
CA THR B 391 -10.25 16.45 -31.77
C THR B 391 -10.56 15.63 -33.01
N ASN B 392 -9.69 15.71 -34.03
CA ASN B 392 -9.92 15.13 -35.35
C ASN B 392 -9.33 13.73 -35.42
N GLY B 393 -10.18 12.70 -35.33
CA GLY B 393 -9.72 11.33 -35.48
C GLY B 393 -8.90 11.08 -36.75
N ASN B 394 -9.20 11.80 -37.84
CA ASN B 394 -8.54 11.57 -39.13
C ASN B 394 -7.04 11.88 -39.03
N THR B 395 -6.64 12.84 -38.20
CA THR B 395 -5.24 13.17 -38.11
C THR B 395 -4.45 11.92 -37.72
N LEU B 396 -4.97 11.15 -36.76
CA LEU B 396 -4.27 9.99 -36.23
C LEU B 396 -4.36 8.86 -37.25
N LEU B 397 -5.57 8.61 -37.78
CA LEU B 397 -5.82 7.55 -38.77
C LEU B 397 -4.86 7.63 -39.96
N ASN B 398 -4.46 8.83 -40.40
CA ASN B 398 -3.62 9.00 -41.59
C ASN B 398 -2.17 8.70 -41.25
N LYS B 399 -1.82 8.72 -39.97
CA LYS B 399 -0.51 8.32 -39.49
C LYS B 399 -0.54 6.87 -39.03
N ASN B 400 -1.65 6.16 -39.31
CA ASN B 400 -1.86 4.77 -38.95
C ASN B 400 -1.82 4.56 -37.43
N VAL B 401 -2.31 5.54 -36.68
CA VAL B 401 -2.58 5.29 -35.28
C VAL B 401 -4.07 5.09 -35.10
N ARG B 402 -4.47 3.95 -34.57
CA ARG B 402 -5.84 3.46 -34.72
C ARG B 402 -6.49 3.30 -33.34
N ILE B 403 -5.84 3.90 -32.34
CA ILE B 403 -6.29 3.88 -30.95
C ILE B 403 -7.74 4.34 -30.82
N TRP B 404 -8.10 5.40 -31.56
CA TRP B 404 -9.43 6.02 -31.47
C TRP B 404 -10.36 5.58 -32.60
N GLU B 405 -9.91 4.77 -33.52
CA GLU B 405 -10.68 4.44 -34.70
C GLU B 405 -12.10 3.99 -34.31
N ALA B 406 -12.24 3.02 -33.41
CA ALA B 406 -13.53 2.39 -33.20
C ALA B 406 -14.46 3.39 -32.49
N ASN B 407 -13.87 4.41 -31.83
CA ASN B 407 -14.68 5.38 -31.10
C ASN B 407 -15.18 6.45 -32.05
N GLY B 408 -14.71 6.40 -33.29
CA GLY B 408 -15.09 7.43 -34.25
C GLY B 408 -15.99 6.93 -35.36
N THR B 409 -16.41 5.64 -35.33
CA THR B 409 -17.24 5.12 -36.42
C THR B 409 -18.65 5.70 -36.36
N ARG B 410 -19.34 5.64 -37.49
CA ARG B 410 -20.73 6.02 -37.61
C ARG B 410 -21.62 5.30 -36.60
N GLU B 411 -21.46 3.96 -36.56
CA GLU B 411 -22.12 3.09 -35.57
C GLU B 411 -21.80 3.51 -34.13
N PHE B 412 -20.53 3.69 -33.76
CA PHE B 412 -20.21 4.04 -32.37
C PHE B 412 -20.79 5.39 -31.94
N LEU B 413 -20.84 6.38 -32.84
CA LEU B 413 -21.46 7.65 -32.49
C LEU B 413 -22.98 7.57 -32.49
N ASP B 414 -23.58 6.88 -33.47
CA ASP B 414 -25.04 6.72 -33.46
C ASP B 414 -25.45 6.12 -32.10
N ASN B 415 -24.81 5.04 -31.65
CA ASN B 415 -25.10 4.43 -30.36
C ASN B 415 -24.93 5.43 -29.19
N ARG B 416 -24.02 6.39 -29.34
CA ARG B 416 -23.84 7.42 -28.32
C ARG B 416 -24.84 8.54 -28.53
N LYS B 417 -25.74 8.37 -29.51
CA LYS B 417 -26.79 9.32 -29.88
C LYS B 417 -26.17 10.60 -30.44
N LEU B 418 -25.06 10.45 -31.17
CA LEU B 418 -24.41 11.60 -31.79
C LEU B 418 -24.66 11.56 -33.30
N PHE B 419 -25.92 11.74 -33.66
CA PHE B 419 -26.37 11.49 -35.01
C PHE B 419 -25.88 12.64 -35.87
N HIS B 420 -25.71 13.83 -35.28
CA HIS B 420 -25.27 14.98 -36.04
C HIS B 420 -23.75 15.17 -35.97
N ARG B 421 -23.00 14.09 -35.64
CA ARG B 421 -21.55 14.21 -35.54
C ARG B 421 -20.85 13.47 -36.69
N GLU B 422 -19.81 14.07 -37.29
CA GLU B 422 -19.09 13.47 -38.42
C GLU B 422 -18.21 12.29 -38.00
N VAL B 423 -18.05 11.29 -38.89
CA VAL B 423 -17.26 10.12 -38.56
C VAL B 423 -15.88 10.65 -38.14
N ASN B 424 -15.28 10.05 -37.10
CA ASN B 424 -13.96 10.44 -36.60
C ASN B 424 -13.93 11.86 -36.04
N ASP B 425 -15.08 12.48 -35.80
CA ASP B 425 -15.09 13.69 -34.99
C ASP B 425 -15.48 13.32 -33.57
N LEU B 426 -14.50 13.18 -32.70
CA LEU B 426 -14.70 12.60 -31.39
C LEU B 426 -15.26 13.65 -30.43
N GLY B 427 -15.35 14.90 -30.86
CA GLY B 427 -16.00 15.89 -30.03
C GLY B 427 -15.03 16.43 -28.98
N PRO B 428 -15.51 17.03 -27.88
CA PRO B 428 -14.63 17.78 -26.92
C PRO B 428 -13.91 16.96 -25.87
N ILE B 429 -12.96 16.16 -26.34
CA ILE B 429 -12.19 15.23 -25.52
C ILE B 429 -10.85 15.90 -25.13
N TYR B 430 -9.87 15.06 -24.79
CA TYR B 430 -8.65 15.45 -24.11
C TYR B 430 -8.12 16.80 -24.57
N GLY B 431 -7.64 16.83 -25.82
CA GLY B 431 -7.10 17.99 -26.50
C GLY B 431 -7.95 19.23 -26.29
N PHE B 432 -9.24 19.10 -26.62
CA PHE B 432 -10.10 20.25 -26.44
C PHE B 432 -10.14 20.68 -24.97
N GLN B 433 -10.20 19.74 -24.04
CA GLN B 433 -10.32 20.11 -22.63
C GLN B 433 -9.02 20.72 -22.12
N TRP B 434 -7.85 20.27 -22.55
CA TRP B 434 -6.57 20.77 -22.03
C TRP B 434 -6.26 22.18 -22.54
N ARG B 435 -6.75 22.51 -23.76
CA ARG B 435 -6.50 23.79 -24.37
C ARG B 435 -7.75 24.69 -24.43
N HIS B 436 -8.99 24.16 -24.45
CA HIS B 436 -10.12 25.06 -24.53
C HIS B 436 -11.25 24.78 -23.53
N PHE B 437 -10.95 24.40 -22.29
CA PHE B 437 -11.99 23.92 -21.41
C PHE B 437 -13.03 25.02 -21.20
N GLY B 438 -14.31 24.64 -21.36
CA GLY B 438 -15.40 25.59 -21.27
C GLY B 438 -15.79 26.19 -22.62
N ALA B 439 -14.99 26.10 -23.66
CA ALA B 439 -15.47 26.64 -24.92
C ALA B 439 -16.64 25.79 -25.45
N GLU B 440 -17.48 26.44 -26.23
CA GLU B 440 -18.54 25.77 -26.95
C GLU B 440 -17.94 25.00 -28.14
N TYR B 441 -18.08 23.68 -28.14
CA TYR B 441 -17.59 22.81 -29.22
C TYR B 441 -18.57 22.85 -30.39
N THR B 442 -18.05 23.22 -31.57
CA THR B 442 -18.83 23.24 -32.82
C THR B 442 -18.56 21.98 -33.62
N ASN B 443 -17.38 21.88 -34.27
CA ASN B 443 -16.95 20.65 -34.95
C ASN B 443 -15.42 20.64 -34.90
N MET B 444 -14.81 19.56 -35.42
CA MET B 444 -13.39 19.31 -35.23
C MET B 444 -12.54 20.21 -36.11
N TYR B 445 -13.19 20.95 -37.03
CA TYR B 445 -12.47 21.85 -37.92
C TYR B 445 -12.53 23.30 -37.48
N ASP B 446 -13.38 23.64 -36.52
CA ASP B 446 -13.51 25.04 -36.14
C ASP B 446 -12.16 25.57 -35.62
N ASN B 447 -12.09 26.90 -35.55
CA ASN B 447 -10.96 27.63 -35.02
C ASN B 447 -11.32 28.03 -33.60
N TYR B 448 -10.58 27.48 -32.63
CA TYR B 448 -10.87 27.71 -31.23
C TYR B 448 -9.83 28.61 -30.57
N GLU B 449 -8.92 29.25 -31.34
CA GLU B 449 -7.84 30.03 -30.75
C GLU B 449 -8.42 31.01 -29.72
N ASN B 450 -7.89 30.98 -28.49
CA ASN B 450 -8.25 31.88 -27.40
C ASN B 450 -9.65 31.60 -26.88
N LYS B 451 -10.19 30.42 -27.19
CA LYS B 451 -11.46 30.06 -26.57
C LYS B 451 -11.25 29.03 -25.45
N GLY B 452 -12.00 29.23 -24.38
CA GLY B 452 -11.88 28.49 -23.14
C GLY B 452 -10.55 28.69 -22.39
N VAL B 453 -10.38 27.82 -21.40
CA VAL B 453 -9.21 27.81 -20.54
C VAL B 453 -8.18 26.83 -21.10
N ASP B 454 -7.03 27.39 -21.46
CA ASP B 454 -5.83 26.66 -21.80
C ASP B 454 -5.12 26.26 -20.51
N GLN B 455 -5.56 25.11 -19.97
CA GLN B 455 -5.14 24.69 -18.66
C GLN B 455 -3.76 24.09 -18.74
N LEU B 456 -3.36 23.56 -19.89
CA LEU B 456 -2.00 23.06 -20.02
C LEU B 456 -0.97 24.19 -19.94
N LYS B 457 -1.28 25.31 -20.58
CA LYS B 457 -0.46 26.50 -20.45
C LYS B 457 -0.42 26.90 -18.98
N ASN B 458 -1.60 26.87 -18.34
CA ASN B 458 -1.75 27.29 -16.98
C ASN B 458 -0.90 26.43 -16.04
N ILE B 459 -0.91 25.09 -16.24
CA ILE B 459 -0.25 24.21 -15.28
C ILE B 459 1.23 24.36 -15.51
N ILE B 460 1.62 24.54 -16.78
CA ILE B 460 3.03 24.77 -17.07
C ILE B 460 3.51 26.10 -16.48
N ASN B 461 2.72 27.15 -16.52
CA ASN B 461 3.05 28.42 -15.85
C ASN B 461 3.14 28.30 -14.33
N LEU B 462 2.24 27.52 -13.72
CA LEU B 462 2.28 27.27 -12.29
C LEU B 462 3.56 26.56 -11.86
N ILE B 463 3.95 25.58 -12.65
CA ILE B 463 5.10 24.75 -12.34
C ILE B 463 6.31 25.67 -12.33
N LYS B 464 6.37 26.58 -13.30
CA LYS B 464 7.52 27.46 -13.50
C LYS B 464 7.58 28.57 -12.47
N ASN B 465 6.42 29.11 -12.05
CA ASN B 465 6.36 30.35 -11.26
C ASN B 465 5.84 30.19 -9.82
N ASP B 466 5.16 29.07 -9.51
CA ASP B 466 4.60 28.89 -8.19
C ASP B 466 4.63 27.42 -7.86
N PRO B 467 5.85 26.85 -7.81
CA PRO B 467 5.94 25.40 -7.82
C PRO B 467 5.34 24.73 -6.58
N THR B 468 5.09 25.48 -5.50
CA THR B 468 4.54 24.83 -4.31
C THR B 468 3.01 24.88 -4.27
N SER B 469 2.37 25.40 -5.33
CA SER B 469 0.93 25.36 -5.42
C SER B 469 0.45 23.91 -5.36
N ARG B 470 -0.68 23.71 -4.71
CA ARG B 470 -1.35 22.41 -4.69
C ARG B 470 -2.54 22.47 -5.64
N ARG B 471 -2.48 23.38 -6.63
CA ARG B 471 -3.60 23.58 -7.54
C ARG B 471 -3.18 23.29 -8.97
N ILE B 472 -2.07 22.58 -9.13
CA ILE B 472 -1.52 22.29 -10.44
C ILE B 472 -2.13 20.98 -10.94
N LEU B 473 -3.39 21.04 -11.41
CA LEU B 473 -4.08 19.86 -11.94
C LEU B 473 -4.47 20.17 -13.37
N LEU B 474 -4.56 19.13 -14.17
CA LEU B 474 -4.99 19.23 -15.54
C LEU B 474 -6.13 18.21 -15.70
N CYS B 475 -7.39 18.69 -15.88
CA CYS B 475 -8.60 17.89 -15.73
C CYS B 475 -9.31 17.70 -17.08
N ALA B 476 -9.49 16.44 -17.51
CA ALA B 476 -10.21 16.13 -18.75
C ALA B 476 -11.69 15.87 -18.47
N TRP B 477 -12.07 15.69 -17.21
CA TRP B 477 -13.47 15.39 -16.93
C TRP B 477 -14.33 16.65 -16.91
N ASN B 478 -14.82 17.06 -18.10
CA ASN B 478 -15.72 18.20 -18.21
C ASN B 478 -17.16 17.70 -18.14
N VAL B 479 -17.77 17.79 -16.95
CA VAL B 479 -19.08 17.22 -16.68
C VAL B 479 -20.07 17.72 -17.74
N LYS B 480 -19.87 18.94 -18.20
CA LYS B 480 -20.79 19.52 -19.15
C LYS B 480 -20.74 18.83 -20.52
N ASP B 481 -19.54 18.51 -20.99
CA ASP B 481 -19.28 18.04 -22.33
C ASP B 481 -19.33 16.50 -22.45
N LEU B 482 -19.40 15.76 -21.34
CA LEU B 482 -19.27 14.31 -21.42
C LEU B 482 -20.15 13.75 -22.53
N ASP B 483 -21.41 14.18 -22.60
CA ASP B 483 -22.36 13.52 -23.48
C ASP B 483 -21.98 13.73 -24.93
N GLN B 484 -21.38 14.91 -25.19
CA GLN B 484 -20.91 15.29 -26.52
C GLN B 484 -19.56 14.66 -26.85
N MET B 485 -18.91 14.00 -25.90
CA MET B 485 -17.70 13.31 -26.26
C MET B 485 -18.03 11.92 -26.83
N ALA B 486 -17.19 11.43 -27.72
CA ALA B 486 -17.42 10.12 -28.30
C ALA B 486 -17.42 9.11 -27.15
N LEU B 487 -16.58 9.38 -26.10
CA LEU B 487 -16.71 8.71 -24.81
C LEU B 487 -16.01 9.49 -23.71
N PRO B 488 -16.46 9.32 -22.46
CA PRO B 488 -15.85 10.05 -21.36
C PRO B 488 -14.38 9.66 -21.18
N PRO B 489 -13.52 10.57 -20.71
CA PRO B 489 -12.11 10.23 -20.53
C PRO B 489 -11.98 9.12 -19.49
N CYS B 490 -11.08 8.15 -19.76
CA CYS B 490 -10.60 7.21 -18.75
C CYS B 490 -9.62 7.93 -17.83
N HIS B 491 -8.79 8.88 -18.32
CA HIS B 491 -7.73 9.54 -17.53
C HIS B 491 -8.26 10.87 -16.97
N ILE B 492 -8.85 10.82 -15.76
CA ILE B 492 -9.66 11.94 -15.28
C ILE B 492 -8.74 13.16 -15.19
N LEU B 493 -7.59 13.03 -14.53
CA LEU B 493 -6.78 14.21 -14.26
C LEU B 493 -5.32 13.86 -13.98
N CYS B 494 -4.43 14.84 -14.12
CA CYS B 494 -3.07 14.80 -13.64
C CYS B 494 -2.88 15.88 -12.58
N GLN B 495 -2.24 15.51 -11.45
CA GLN B 495 -1.82 16.47 -10.45
C GLN B 495 -0.29 16.41 -10.45
N PHE B 496 0.32 17.60 -10.31
CA PHE B 496 1.77 17.79 -10.35
C PHE B 496 2.25 18.26 -8.99
N TYR B 497 3.50 17.96 -8.71
CA TYR B 497 4.15 18.35 -7.46
C TYR B 497 5.64 18.55 -7.71
N VAL B 498 6.17 19.62 -7.12
CA VAL B 498 7.52 20.04 -7.39
C VAL B 498 8.23 20.14 -6.04
N PHE B 499 9.36 19.43 -5.89
CA PHE B 499 10.27 19.63 -4.79
C PHE B 499 11.72 19.48 -5.27
N ASP B 500 12.58 20.41 -4.78
CA ASP B 500 14.02 20.42 -5.04
C ASP B 500 14.33 20.15 -6.52
N GLY B 501 13.65 20.86 -7.44
CA GLY B 501 13.98 20.78 -8.85
C GLY B 501 13.49 19.50 -9.49
N LYS B 502 12.45 18.90 -8.89
CA LYS B 502 11.97 17.60 -9.33
C LYS B 502 10.45 17.62 -9.41
N LEU B 503 9.92 16.94 -10.41
CA LEU B 503 8.50 17.00 -10.71
C LEU B 503 7.96 15.60 -10.53
N SER B 504 6.89 15.47 -9.75
CA SER B 504 6.18 14.19 -9.77
C SER B 504 4.75 14.47 -10.25
N CYS B 505 4.07 13.41 -10.72
CA CYS B 505 2.77 13.50 -11.37
C CYS B 505 1.94 12.31 -10.89
N ILE B 506 0.70 12.61 -10.54
CA ILE B 506 -0.33 11.62 -10.25
C ILE B 506 -1.33 11.62 -11.41
N MET B 507 -1.66 10.44 -11.90
CA MET B 507 -2.78 10.33 -12.80
C MET B 507 -3.81 9.39 -12.17
N TYR B 508 -5.05 9.88 -12.09
CA TYR B 508 -6.21 9.14 -11.62
C TYR B 508 -7.01 8.64 -12.82
N GLN B 509 -7.17 7.32 -12.86
CA GLN B 509 -7.86 6.65 -13.96
C GLN B 509 -9.12 5.99 -13.41
N ARG B 510 -10.27 6.37 -13.92
CA ARG B 510 -11.54 5.82 -13.49
C ARG B 510 -11.73 4.37 -13.95
N SER B 511 -11.06 3.95 -15.04
CA SER B 511 -11.33 2.62 -15.57
C SER B 511 -10.08 2.08 -16.27
N CYS B 512 -9.65 0.88 -15.81
CA CYS B 512 -8.31 0.37 -16.02
C CYS B 512 -8.46 -1.06 -16.54
N ASP B 513 -8.20 -1.19 -17.84
CA ASP B 513 -8.14 -2.45 -18.53
C ASP B 513 -6.74 -2.95 -18.29
N LEU B 514 -6.60 -3.80 -17.29
CA LEU B 514 -5.28 -4.18 -16.80
C LEU B 514 -4.52 -4.92 -17.90
N GLY B 515 -5.23 -5.76 -18.68
CA GLY B 515 -4.55 -6.60 -19.65
C GLY B 515 -3.95 -5.84 -20.83
N LEU B 516 -4.65 -4.83 -21.33
CA LEU B 516 -4.32 -4.24 -22.63
C LEU B 516 -3.99 -2.76 -22.48
N GLY B 517 -4.82 -2.04 -21.71
CA GLY B 517 -4.75 -0.60 -21.65
C GLY B 517 -3.64 -0.10 -20.71
N VAL B 518 -3.62 -0.59 -19.45
CA VAL B 518 -2.77 -0.05 -18.39
C VAL B 518 -1.27 -0.02 -18.73
N PRO B 519 -0.66 -1.04 -19.38
CA PRO B 519 0.72 -0.91 -19.82
C PRO B 519 1.02 0.29 -20.71
N PHE B 520 0.13 0.56 -21.66
CA PHE B 520 0.29 1.70 -22.56
C PHE B 520 0.11 2.98 -21.75
N ASN B 521 -0.80 2.96 -20.77
CA ASN B 521 -1.16 4.16 -20.02
C ASN B 521 -0.01 4.62 -19.13
N ILE B 522 0.62 3.66 -18.44
CA ILE B 522 1.85 3.94 -17.73
C ILE B 522 2.88 4.58 -18.68
N ALA B 523 3.07 4.01 -19.90
CA ALA B 523 4.06 4.64 -20.76
C ALA B 523 3.67 6.08 -21.15
N SER B 524 2.38 6.26 -21.43
CA SER B 524 1.88 7.53 -21.89
C SER B 524 2.12 8.65 -20.86
N TYR B 525 1.74 8.43 -19.58
CA TYR B 525 1.86 9.47 -18.54
C TYR B 525 3.31 9.51 -18.02
N SER B 526 4.06 8.43 -18.22
CA SER B 526 5.47 8.53 -17.91
C SER B 526 6.15 9.54 -18.86
N ILE B 527 5.96 9.37 -20.17
CA ILE B 527 6.54 10.28 -21.16
C ILE B 527 6.05 11.72 -20.89
N PHE B 528 4.75 11.89 -20.66
CA PHE B 528 4.22 13.23 -20.46
C PHE B 528 4.93 13.88 -19.28
N THR B 529 5.12 13.13 -18.19
CA THR B 529 5.79 13.63 -17.01
C THR B 529 7.17 14.21 -17.41
N HIS B 530 7.97 13.43 -18.15
CA HIS B 530 9.23 13.90 -18.72
C HIS B 530 9.01 15.15 -19.59
N MET B 531 8.00 15.11 -20.48
CA MET B 531 7.79 16.23 -21.39
C MET B 531 7.58 17.49 -20.56
N ILE B 532 6.70 17.44 -19.56
CA ILE B 532 6.42 18.63 -18.77
C ILE B 532 7.65 19.08 -17.98
N ALA B 533 8.43 18.14 -17.49
CA ALA B 533 9.53 18.43 -16.60
C ALA B 533 10.64 19.17 -17.35
N GLN B 534 10.99 18.60 -18.52
CA GLN B 534 12.01 19.18 -19.35
C GLN B 534 11.70 20.63 -19.73
N VAL B 535 10.44 20.89 -20.12
CA VAL B 535 10.06 22.23 -20.58
C VAL B 535 9.99 23.21 -19.40
N CYS B 536 10.06 22.73 -18.14
CA CYS B 536 10.11 23.61 -16.97
C CYS B 536 11.46 23.53 -16.24
N ASN B 537 12.45 22.90 -16.86
CA ASN B 537 13.77 22.83 -16.28
C ASN B 537 13.74 22.10 -14.96
N LEU B 538 13.07 20.92 -14.95
CA LEU B 538 13.05 20.09 -13.76
C LEU B 538 13.51 18.70 -14.16
N GLN B 539 13.81 17.90 -13.15
CA GLN B 539 14.14 16.51 -13.34
C GLN B 539 12.88 15.71 -13.04
N PRO B 540 12.51 14.68 -13.85
CA PRO B 540 11.37 13.85 -13.50
C PRO B 540 11.75 13.06 -12.27
N ALA B 541 10.80 12.94 -11.33
CA ALA B 541 10.91 12.10 -10.15
C ALA B 541 9.96 10.91 -10.31
N GLN B 542 8.77 10.98 -9.68
CA GLN B 542 7.87 9.83 -9.66
C GLN B 542 6.63 10.04 -10.55
N PHE B 543 6.22 8.98 -11.27
CA PHE B 543 4.91 8.90 -11.88
C PHE B 543 4.10 8.01 -10.97
N ILE B 544 2.88 8.42 -10.65
CA ILE B 544 2.08 7.77 -9.62
C ILE B 544 0.69 7.56 -10.22
N HIS B 545 0.22 6.33 -10.22
CA HIS B 545 -0.90 5.94 -11.05
C HIS B 545 -2.01 5.39 -10.17
N VAL B 546 -3.14 6.07 -10.12
CA VAL B 546 -4.14 5.68 -9.15
C VAL B 546 -5.23 5.02 -9.96
N LEU B 547 -5.49 3.74 -9.73
CA LEU B 547 -6.51 3.00 -10.49
C LEU B 547 -7.82 3.00 -9.70
N GLY B 548 -8.87 3.49 -10.36
CA GLY B 548 -10.24 3.43 -9.85
C GLY B 548 -10.88 2.05 -10.04
N ASN B 549 -11.82 1.94 -10.99
CA ASN B 549 -12.32 0.61 -11.38
C ASN B 549 -11.26 -0.11 -12.19
N ALA B 550 -10.67 -1.14 -11.58
CA ALA B 550 -9.54 -1.87 -12.16
C ALA B 550 -9.97 -3.31 -12.46
N HIS B 551 -9.77 -3.76 -13.71
CA HIS B 551 -10.41 -4.97 -14.20
C HIS B 551 -9.55 -5.76 -15.20
N VAL B 552 -9.80 -7.07 -15.18
CA VAL B 552 -9.20 -7.96 -16.16
C VAL B 552 -10.31 -8.62 -16.93
N TYR B 553 -10.33 -8.42 -18.25
CA TYR B 553 -11.24 -9.08 -19.18
C TYR B 553 -11.01 -10.59 -19.12
N ASN B 554 -12.10 -11.36 -19.11
CA ASN B 554 -12.04 -12.82 -18.97
C ASN B 554 -11.26 -13.48 -20.11
N ASN B 555 -11.38 -12.99 -21.36
CA ASN B 555 -10.56 -13.47 -22.46
C ASN B 555 -9.09 -13.03 -22.37
N HIS B 556 -8.68 -12.32 -21.29
CA HIS B 556 -7.27 -12.00 -21.15
C HIS B 556 -6.58 -13.01 -20.23
N ILE B 557 -7.34 -13.87 -19.55
CA ILE B 557 -6.82 -14.53 -18.38
C ILE B 557 -5.72 -15.50 -18.75
N ASP B 558 -5.90 -16.21 -19.84
CA ASP B 558 -4.90 -17.20 -20.22
C ASP B 558 -3.60 -16.49 -20.60
N SER B 559 -3.69 -15.33 -21.25
CA SER B 559 -2.50 -14.58 -21.62
C SER B 559 -1.82 -13.94 -20.38
N LEU B 560 -2.58 -13.50 -19.38
CA LEU B 560 -1.94 -12.91 -18.21
C LEU B 560 -1.25 -13.98 -17.37
N LYS B 561 -1.78 -15.22 -17.47
CA LYS B 561 -1.17 -16.41 -16.89
C LYS B 561 0.22 -16.64 -17.48
N ILE B 562 0.30 -16.70 -18.80
CA ILE B 562 1.63 -16.82 -19.40
C ILE B 562 2.50 -15.68 -18.88
N GLN B 563 1.94 -14.46 -18.79
CA GLN B 563 2.71 -13.26 -18.53
C GLN B 563 3.23 -13.21 -17.09
N LEU B 564 2.42 -13.64 -16.12
CA LEU B 564 2.86 -13.62 -14.72
C LEU B 564 4.08 -14.50 -14.45
N ASN B 565 4.33 -15.55 -15.26
CA ASN B 565 5.38 -16.49 -14.97
C ASN B 565 6.63 -16.13 -15.79
N ARG B 566 6.59 -15.01 -16.52
CA ARG B 566 7.83 -14.45 -17.03
C ARG B 566 8.43 -13.51 -15.98
N ILE B 567 9.77 -13.46 -16.02
CA ILE B 567 10.56 -12.69 -15.08
C ILE B 567 11.06 -11.44 -15.78
N PRO B 568 10.70 -10.25 -15.27
CA PRO B 568 11.06 -8.98 -15.90
C PRO B 568 12.55 -8.93 -16.16
N TYR B 569 12.91 -8.12 -17.16
CA TYR B 569 14.27 -7.67 -17.35
C TYR B 569 14.44 -6.24 -16.79
N PRO B 570 15.68 -5.73 -16.64
CA PRO B 570 15.84 -4.33 -16.26
C PRO B 570 15.17 -3.52 -17.35
N PHE B 571 14.48 -2.47 -16.91
CA PHE B 571 13.76 -1.57 -17.77
C PHE B 571 14.71 -0.78 -18.68
N PRO B 572 14.17 -0.22 -19.79
CA PRO B 572 14.92 0.72 -20.60
C PRO B 572 14.96 2.11 -19.98
N THR B 573 15.45 3.06 -20.80
CA THR B 573 15.42 4.49 -20.52
C THR B 573 14.82 5.22 -21.71
N LEU B 574 14.26 6.42 -21.41
CA LEU B 574 13.72 7.35 -22.37
C LEU B 574 14.69 8.51 -22.58
N LYS B 575 14.92 8.87 -23.83
CA LYS B 575 15.70 10.06 -24.14
C LYS B 575 14.86 11.05 -24.95
N LEU B 576 14.72 12.27 -24.43
CA LEU B 576 14.17 13.39 -25.17
C LEU B 576 15.27 14.25 -25.74
N ASN B 577 15.09 14.61 -27.02
CA ASN B 577 15.90 15.66 -27.61
C ASN B 577 15.91 16.85 -26.64
N PRO B 578 17.07 17.23 -26.06
CA PRO B 578 17.16 18.26 -25.02
C PRO B 578 16.93 19.70 -25.46
N ASP B 579 17.02 19.92 -26.77
CA ASP B 579 16.78 21.20 -27.41
C ASP B 579 15.35 21.71 -27.20
N ILE B 580 14.36 20.81 -27.03
CA ILE B 580 12.96 21.18 -27.04
C ILE B 580 12.64 21.83 -25.69
N LYS B 581 12.07 23.03 -25.70
CA LYS B 581 11.96 23.81 -24.46
C LYS B 581 10.54 24.31 -24.23
N ASN B 582 9.64 24.07 -25.18
CA ASN B 582 8.25 24.45 -25.07
C ASN B 582 7.40 23.23 -25.39
N ILE B 583 6.28 23.07 -24.66
CA ILE B 583 5.53 21.82 -24.67
C ILE B 583 5.03 21.46 -26.08
N GLU B 584 4.81 22.47 -26.92
CA GLU B 584 4.28 22.32 -28.28
C GLU B 584 5.34 22.09 -29.37
N ASP B 585 6.63 21.96 -29.03
CA ASP B 585 7.68 21.89 -30.03
C ASP B 585 8.17 20.46 -30.21
N PHE B 586 7.55 19.49 -29.55
CA PHE B 586 8.04 18.13 -29.68
C PHE B 586 7.43 17.50 -30.92
N THR B 587 8.26 16.67 -31.56
CA THR B 587 7.84 15.87 -32.69
C THR B 587 8.30 14.45 -32.45
N ILE B 588 7.78 13.56 -33.27
CA ILE B 588 7.93 12.14 -33.06
C ILE B 588 9.41 11.77 -33.00
N SER B 589 10.24 12.54 -33.70
CA SER B 589 11.66 12.22 -33.83
C SER B 589 12.42 12.51 -32.54
N ASP B 590 11.81 13.25 -31.59
CA ASP B 590 12.51 13.73 -30.39
C ASP B 590 12.46 12.76 -29.21
N PHE B 591 11.97 11.55 -29.46
CA PHE B 591 11.79 10.54 -28.43
C PHE B 591 12.59 9.29 -28.82
N THR B 592 13.44 8.82 -27.92
CA THR B 592 14.18 7.60 -28.18
C THR B 592 14.09 6.73 -26.93
N ILE B 593 13.65 5.49 -27.13
CA ILE B 593 13.72 4.46 -26.12
C ILE B 593 15.08 3.78 -26.23
N GLN B 594 15.81 3.60 -25.13
CA GLN B 594 17.11 2.95 -25.22
C GLN B 594 17.11 1.66 -24.40
N ASN B 595 17.79 0.64 -24.92
CA ASN B 595 18.03 -0.59 -24.19
C ASN B 595 16.74 -1.28 -23.74
N TYR B 596 15.72 -1.26 -24.58
CA TYR B 596 14.50 -2.00 -24.32
C TYR B 596 14.75 -3.48 -24.57
N VAL B 597 14.89 -4.22 -23.47
CA VAL B 597 14.96 -5.69 -23.43
C VAL B 597 13.63 -6.25 -22.94
N HIS B 598 12.96 -7.05 -23.77
CA HIS B 598 11.59 -7.47 -23.55
C HIS B 598 11.48 -8.96 -23.82
N HIS B 599 10.47 -9.60 -23.21
CA HIS B 599 9.99 -10.92 -23.58
C HIS B 599 9.20 -10.84 -24.90
N GLU B 600 8.76 -11.99 -25.39
CA GLU B 600 8.08 -12.09 -26.67
C GLU B 600 6.68 -11.51 -26.57
N LYS B 601 6.22 -10.87 -27.67
CA LYS B 601 4.88 -10.29 -27.76
C LYS B 601 3.83 -11.34 -27.44
N ILE B 602 2.80 -10.89 -26.72
CA ILE B 602 1.69 -11.75 -26.40
C ILE B 602 0.44 -11.19 -27.07
N SER B 603 -0.22 -12.04 -27.85
CA SER B 603 -1.51 -11.70 -28.44
C SER B 603 -2.54 -11.80 -27.32
N MET B 604 -3.14 -10.66 -26.94
CA MET B 604 -3.91 -10.63 -25.71
C MET B 604 -5.03 -11.66 -25.72
N ASP B 605 -5.41 -12.13 -26.92
CA ASP B 605 -6.51 -13.08 -27.10
C ASP B 605 -6.00 -14.42 -27.68
PA NDP C . -15.22 -16.32 39.63
O1A NDP C . -13.98 -15.47 39.81
O2A NDP C . -15.46 -16.97 38.30
O5B NDP C . -15.28 -17.46 40.74
C5B NDP C . -14.84 -17.26 42.11
C4B NDP C . -14.96 -18.58 42.83
O4B NDP C . -13.95 -19.53 42.35
C3B NDP C . -14.81 -18.55 44.36
O3B NDP C . -16.04 -18.13 44.96
C2B NDP C . -14.38 -19.99 44.61
O2B NDP C . -15.37 -20.97 44.33
C1B NDP C . -13.37 -20.17 43.47
N9A NDP C . -12.04 -19.63 43.74
C8A NDP C . -11.51 -18.47 43.26
N7A NDP C . -10.27 -18.26 43.63
C5A NDP C . -9.97 -19.37 44.39
C6A NDP C . -8.81 -19.73 45.12
N6A NDP C . -7.70 -18.99 45.16
N1A NDP C . -8.84 -20.89 45.80
C2A NDP C . -9.95 -21.63 45.76
N3A NDP C . -11.11 -21.38 45.15
C4A NDP C . -11.05 -20.20 44.50
O3 NDP C . -16.51 -15.48 40.07
PN NDP C . -16.77 -13.92 39.73
O1N NDP C . -18.12 -13.58 40.27
O2N NDP C . -15.53 -13.18 40.14
O5D NDP C . -16.82 -14.03 38.15
C5D NDP C . -17.90 -14.72 37.44
C4D NDP C . -18.58 -13.72 36.56
O4D NDP C . -17.61 -13.28 35.57
C3D NDP C . -19.79 -14.21 35.76
O3D NDP C . -20.71 -13.14 35.65
C2D NDP C . -19.14 -14.63 34.44
O2D NDP C . -20.08 -14.67 33.39
C1D NDP C . -18.09 -13.53 34.28
N1N NDP C . -16.94 -13.88 33.40
C2N NDP C . -16.69 -13.09 32.31
C3N NDP C . -15.57 -13.21 31.53
C7N NDP C . -15.34 -12.18 30.46
O7N NDP C . -14.31 -12.25 29.77
N7N NDP C . -16.28 -11.27 30.23
C4N NDP C . -14.66 -14.36 31.79
C5N NDP C . -15.05 -15.18 32.95
C6N NDP C . -16.12 -14.94 33.67
P2B NDP C . -16.26 -21.55 45.50
O1X NDP C . -17.23 -20.42 45.83
O2X NDP C . -16.98 -22.76 44.98
O3X NDP C . -15.30 -21.85 46.64
C12 A1LZT D . -14.35 -17.44 28.72
C16 A1LZT D . -18.17 -19.04 27.86
C25 A1LZT D . -24.57 -18.67 24.81
C26 A1LZT D . -24.25 -18.03 26.03
C27 A1LZT D . -22.99 -18.18 26.63
C02 A1LZT D . -12.87 -13.65 26.10
C04 A1LZT D . -14.70 -14.97 26.64
C05 A1LZT D . -14.09 -15.29 27.81
C06 A1LZT D . -12.85 -14.70 28.15
C08 A1LZT D . -16.07 -15.64 26.32
C09 A1LZT D . -17.15 -14.66 26.70
C13 A1LZT D . -15.19 -18.14 29.83
C14 A1LZT D . -16.70 -18.22 29.66
C17 A1LZT D . -18.37 -19.84 26.72
C18 A1LZT D . -19.64 -19.86 26.07
C19 A1LZT D . -20.67 -19.10 26.62
C20 A1LZT D . -20.44 -18.31 27.76
C21 A1LZT D . -19.19 -18.29 28.37
C22 A1LZT D . -22.05 -18.98 25.99
C23 A1LZT D . -22.35 -19.61 24.75
C24 A1LZT D . -23.61 -19.47 24.16
C28 A1LZT D . -25.99 -18.49 24.23
N01 A1LZT D . -12.28 -13.91 27.27
N03 A1LZT D . -14.07 -14.18 25.77
N07 A1LZT D . -12.20 -15.00 29.40
N10 A1LZT D . -12.20 -12.77 25.12
O11 A1LZT D . -14.78 -16.13 28.69
O15 A1LZT D . -16.88 -19.00 28.52
O29 A1LZT D . -27.02 -18.47 24.98
O30 A1LZT D . -26.17 -18.36 22.99
N1 UMP E . -8.30 21.95 3.43
C2 UMP E . -8.65 20.64 3.77
N3 UMP E . -9.94 20.31 3.45
C4 UMP E . -10.89 21.12 2.88
C5 UMP E . -10.46 22.46 2.58
C6 UMP E . -9.20 22.82 2.87
O2 UMP E . -7.89 19.83 4.29
O4 UMP E . -12.02 20.69 2.66
C1' UMP E . -6.94 22.45 3.76
C2' UMP E . -5.77 21.86 2.97
C3' UMP E . -4.80 23.03 2.87
C4' UMP E . -5.74 24.22 2.73
O3' UMP E . -3.98 23.20 4.03
O4' UMP E . -6.94 23.86 3.46
C5' UMP E . -6.08 24.56 1.30
O5' UMP E . -4.91 24.33 0.46
P UMP E . -4.80 24.99 -1.00
OP1 UMP E . -3.63 25.98 -0.98
OP2 UMP E . -4.51 23.80 -1.83
OP3 UMP E . -6.13 25.71 -1.36
C1 GOL F . -23.20 13.06 -15.32
O1 GOL F . -22.94 13.74 -14.12
C2 GOL F . -22.98 11.57 -15.12
O2 GOL F . -23.76 10.85 -16.09
C3 GOL F . -21.50 11.20 -15.15
O3 GOL F . -21.28 9.84 -15.53
PA NDP G . 40.59 -15.72 -15.48
O1A NDP G . 39.59 -16.82 -15.64
O2A NDP G . 40.40 -14.63 -14.46
O5B NDP G . 42.06 -16.34 -15.28
C5B NDP G . 42.27 -17.69 -15.79
C4B NDP G . 43.60 -18.22 -15.30
O4B NDP G . 43.47 -18.69 -13.93
C3B NDP G . 44.17 -19.44 -16.05
O3B NDP G . 44.78 -19.14 -17.30
C2B NDP G . 45.16 -19.89 -15.01
O2B NDP G . 46.24 -18.96 -14.95
C1B NDP G . 44.27 -19.84 -13.77
N9A NDP G . 43.41 -21.01 -13.68
C8A NDP G . 42.14 -21.14 -14.20
N7A NDP G . 41.63 -22.32 -14.03
C5A NDP G . 42.62 -23.04 -13.36
C6A NDP G . 42.67 -24.37 -12.91
N6A NDP G . 41.67 -25.24 -13.03
N1A NDP G . 43.81 -24.77 -12.29
C2A NDP G . 44.81 -23.89 -12.17
N3A NDP G . 44.87 -22.62 -12.56
C4A NDP G . 43.73 -22.24 -13.17
O3 NDP G . 40.69 -15.04 -16.92
PN NDP G . 39.60 -14.85 -18.09
O1N NDP G . 40.27 -14.23 -19.28
O2N NDP G . 38.83 -16.11 -18.30
O5D NDP G . 38.67 -13.74 -17.39
C5D NDP G . 39.26 -12.46 -17.03
C4D NDP G . 38.39 -11.34 -17.54
O4D NDP G . 37.17 -11.31 -16.74
C3D NDP G . 38.98 -9.92 -17.48
O3D NDP G . 38.69 -9.20 -18.67
C2D NDP G . 38.35 -9.37 -16.20
O2D NDP G . 38.30 -7.95 -16.13
C1D NDP G . 36.96 -10.00 -16.28
N1N NDP G . 36.22 -10.11 -14.99
C2N NDP G . 34.86 -9.96 -15.02
C3N NDP G . 34.07 -10.28 -13.95
C7N NDP G . 32.63 -9.93 -13.98
O7N NDP G . 31.85 -10.51 -13.24
N7N NDP G . 32.25 -8.92 -14.77
C4N NDP G . 34.71 -10.97 -12.80
C5N NDP G . 36.16 -10.66 -12.70
C6N NDP G . 36.85 -10.32 -13.77
P2B NDP G . 47.69 -19.57 -15.32
O1X NDP G . 48.18 -18.88 -16.57
O2X NDP G . 48.43 -19.10 -14.08
O3X NDP G . 47.67 -21.09 -15.47
C12 A1LZT H . 34.95 -9.39 -9.58
C16 A1LZT H . 37.51 -5.42 -9.65
C25 A1LZT H . 38.36 1.32 -11.58
C26 A1LZT H . 38.18 1.02 -10.21
C27 A1LZT H . 38.01 -0.32 -9.83
C02 A1LZT H . 30.01 -8.52 -9.51
C04 A1LZT H . 31.94 -7.34 -9.79
C05 A1LZT H . 32.66 -8.53 -9.91
C06 A1LZT H . 31.97 -9.75 -9.85
C08 A1LZT H . 32.67 -5.98 -9.87
C09 A1LZT H . 32.79 -5.52 -11.32
C13 A1LZT H . 36.31 -8.74 -9.25
C14 A1LZT H . 36.12 -7.26 -8.95
C17 A1LZT H . 37.61 -4.41 -8.68
C18 A1LZT H . 37.78 -3.09 -9.05
C19 A1LZT H . 37.86 -2.79 -10.39
C20 A1LZT H . 37.80 -3.81 -11.36
C21 A1LZT H . 37.61 -5.15 -11.00
C22 A1LZT H . 38.04 -1.33 -10.83
C23 A1LZT H . 38.22 -1.01 -12.20
C24 A1LZT H . 38.38 0.33 -12.57
C28 A1LZT H . 38.52 2.77 -11.97
N01 A1LZT H . 30.65 -9.66 -9.63
N03 A1LZT H . 30.64 -7.36 -9.60
N07 A1LZT H . 32.64 -11.05 -10.00
N10 A1LZT H . 28.56 -8.50 -9.27
O11 A1LZT H . 34.09 -8.42 -10.14
O15 A1LZT H . 37.36 -6.76 -9.24
O29 A1LZT H . 38.76 3.05 -13.19
O30 A1LZT H . 38.40 3.65 -11.08
C1 GOL I . -5.40 25.35 -11.83
O1 GOL I . -4.97 26.22 -10.78
C2 GOL I . -5.76 26.14 -13.07
O2 GOL I . -4.75 27.09 -13.42
C3 GOL I . -6.07 25.29 -14.28
O3 GOL I . -6.53 26.11 -15.36
N1 UMP J . -9.28 2.12 -21.63
C2 UMP J . -8.04 2.17 -21.00
N3 UMP J . -7.22 3.15 -21.51
C4 UMP J . -7.49 4.04 -22.55
C5 UMP J . -8.79 3.90 -23.13
C6 UMP J . -9.61 2.95 -22.67
O2 UMP J . -7.69 1.43 -20.06
O4 UMP J . -6.63 4.87 -22.88
C1' UMP J . -10.24 1.08 -21.23
C2' UMP J . -10.76 1.08 -19.80
C3' UMP J . -12.08 0.33 -20.00
C4' UMP J . -12.58 0.98 -21.30
O3' UMP J . -11.91 -1.07 -20.21
O4' UMP J . -11.39 1.28 -22.05
C5' UMP J . -13.40 2.23 -21.12
O5' UMP J . -14.82 1.89 -21.11
P UMP J . -15.81 2.59 -20.06
OP1 UMP J . -15.98 4.01 -20.57
OP2 UMP J . -15.09 2.42 -18.78
OP3 UMP J . -17.13 1.86 -20.09
#